data_3ZMT
#
_entry.id   3ZMT
#
_cell.length_a   119.500
_cell.length_b   180.760
_cell.length_c   234.110
_cell.angle_alpha   90.00
_cell.angle_beta   90.00
_cell.angle_gamma   90.00
#
_symmetry.space_group_name_H-M   'I 2 2 2'
#
loop_
_entity.id
_entity.type
_entity.pdbx_description
1 polymer 'LYSINE-SPECIFIC HISTONE DEMETHYLASE 1A'
2 polymer 'REST COREPRESSOR 1'
3 polymer PEPTIDE
4 non-polymer 'FLAVIN-ADENINE DINUCLEOTIDE'
#
loop_
_entity_poly.entity_id
_entity_poly.type
_entity_poly.pdbx_seq_one_letter_code
_entity_poly.pdbx_strand_id
1 'polypeptide(L)'
;MLSGKKAAAAAAAAAAAATGTEAGPGTAGGSENGSEVAAQPAGLSGPAEVGPGAVGERTPRKKEPPRASPPGGLAEPPGS
AGPQAGPTVVPGSATPMETGIAETPEGRRTSRRKRAKVEYREMDESLANLSEDEYYSEEERNAKAEKEKKLPPPPPQAPP
EEENESEPEEPSGQAGGLQDDSSGGYGDGQPSGVEGAAFQSRLPHDRMTSQEAACFPDIISGPQQTQKVFLFIRNRTLQL
WLDNPKIQLTFEATLQQLEAPYNSDTVLVHRVHSYLERHGLINFGIYKRIKPLPTKKTGKVIIIGSGVSGLAAARQLQSF
GMDVTLLEARDRVGGRVATFRKGNYVADLGAMVVTGLGGNPMAVVSKQVNMELAKIKQKCPLYEANGQAVPKEKDEMVEQ
EFNRLLEATSYLSHQLDFNVLNNKPVSLGQALEVVIQLQEKHVKDEQIEHWKKIVKTQEELKELLNKMVNLKEKIKELHQ
QYKEASEVKPPRDITAEFLVKSKHRDLTALCKEYDELAETQGKLEEKLQELEANPPSDVYLSSRDRQILDWHFANLEFAN
ATPLSTLSLKHWDQDDDFEFTGSHLTVRNGYSCVPVALAEGLDIKLNTAVRQVRYTASGCEVIAVNTRSTSQTFIYKCDA
VLCTLPLGVLKQQPPAVQFVPPLPEWKTSAVQRMGFGNLNKVVLCFDRVFWDPSVNLFGHVGSTTASRGELFLFWNLYKA
PILLALVAGEAAGIMENISDDVIVGRCLAILKGIFGSSAVPQPKETVVSRWRADPWARGSYSYVAAGSSGNDYDLMAQPI
TPGPSIPGAPQPIPRLFFAGEHTIRNYPATVHGALLSGLREAGRIADQFLGAMYTLPRQATPGVPAQQSPSM
;
A
2 'polypeptide(L)'
;MVEKGPEVSGKRRGRNNAAASASAAAASAAASAACASPAATAASGAAASSASAAAASAAAAPNNGQNKSLAAAAPNGNSS
SNSWEEGSSGSSSDEEHGGGGMRVGPQYQAVVPDFDPAKLARRSQERDNLGMLVWSPNQNLSEAKLDEYIAIAKEKHGYN
MEQALGMLFWHKHNIEKSLADLPNFTPFPDEWTVEDKVLFEQAFSFHGKTFHRIQQMLPDKSIASLVKFYYSWKKTRTKT
SVMDRHARKQKREREESEDELEEANGNNPIDIEVDQNKESKKEVPPTETVPQVKKEKHSTQAKNRAKRKPPKGMFLSQED
VEAVSANATAATTVLRQLDMELVSVKRQIQNIKQTNSALKEKLDGGIEPYRLPEVIQKCNARWTTEEQLLAVQAIRKYGR
DFQAISDVIGNKSVVQVKNFFVNYRRRFNIDEVLQEWEAEHGKEETNGPSNQKPVKSPDNSIKMPEEEDEAPVLDVRYAS
AS
;
B
3 'polypeptide(L)' PRSFLV C
#
# COMPACT_ATOMS: atom_id res chain seq x y z
N SER A 192 -27.11 18.92 5.56
CA SER A 192 -25.97 19.76 6.02
C SER A 192 -26.45 21.05 6.70
N GLY A 193 -26.40 22.17 5.99
CA GLY A 193 -26.78 23.47 6.55
C GLY A 193 -25.74 24.02 7.50
N VAL A 194 -26.10 24.08 8.78
CA VAL A 194 -25.17 24.54 9.83
C VAL A 194 -24.08 23.50 10.12
N GLU A 195 -24.46 22.22 10.06
CA GLU A 195 -23.53 21.12 10.32
C GLU A 195 -22.54 20.93 9.19
N GLY A 196 -22.93 21.33 7.99
CA GLY A 196 -22.07 21.23 6.80
C GLY A 196 -21.00 22.30 6.82
N ALA A 197 -21.35 23.47 7.35
CA ALA A 197 -20.41 24.58 7.52
C ALA A 197 -19.27 24.22 8.47
N ALA A 198 -19.60 23.48 9.53
CA ALA A 198 -18.59 22.99 10.48
C ALA A 198 -17.63 22.01 9.80
N PHE A 199 -18.20 21.12 8.98
CA PHE A 199 -17.42 20.16 8.21
C PHE A 199 -16.51 20.89 7.20
N GLN A 200 -17.08 21.85 6.48
CA GLN A 200 -16.33 22.63 5.50
C GLN A 200 -15.21 23.44 6.17
N SER A 201 -15.37 23.70 7.47
CA SER A 201 -14.37 24.42 8.25
C SER A 201 -13.47 23.47 9.06
N ARG A 202 -13.54 22.18 8.74
CA ARG A 202 -12.72 21.13 9.35
C ARG A 202 -12.95 20.98 10.87
N LEU A 203 -14.17 21.27 11.30
CA LEU A 203 -14.54 21.21 12.72
C LEU A 203 -15.70 20.26 12.97
N PRO A 204 -15.66 19.49 14.08
CA PRO A 204 -16.80 18.66 14.49
C PRO A 204 -17.99 19.53 14.88
N HIS A 205 -19.15 19.29 14.25
CA HIS A 205 -20.34 20.13 14.42
C HIS A 205 -20.98 20.04 15.79
N ASP A 206 -20.76 18.91 16.47
CA ASP A 206 -21.44 18.64 17.73
C ASP A 206 -20.49 18.46 18.92
N ARG A 207 -19.30 19.04 18.79
CA ARG A 207 -18.28 18.95 19.84
C ARG A 207 -17.35 20.16 19.80
N MET A 208 -16.91 20.62 20.97
CA MET A 208 -15.99 21.73 21.07
C MET A 208 -14.54 21.26 20.93
N THR A 209 -13.78 21.95 20.08
CA THR A 209 -12.38 21.60 19.82
C THR A 209 -11.47 22.00 20.98
N SER A 210 -10.23 21.51 20.95
CA SER A 210 -9.23 21.85 21.97
C SER A 210 -8.90 23.34 21.98
N GLN A 211 -8.82 23.93 20.79
CA GLN A 211 -8.57 25.37 20.65
C GLN A 211 -9.71 26.18 21.24
N GLU A 212 -10.94 25.74 20.99
CA GLU A 212 -12.14 26.36 21.55
C GLU A 212 -12.18 26.27 23.07
N ALA A 213 -11.73 25.14 23.61
CA ALA A 213 -11.65 24.95 25.06
C ALA A 213 -10.72 25.97 25.71
N ALA A 214 -9.68 26.37 24.98
CA ALA A 214 -8.72 27.35 25.49
C ALA A 214 -9.33 28.76 25.55
N CYS A 215 -10.03 29.15 24.48
CA CYS A 215 -10.62 30.49 24.38
C CYS A 215 -11.95 30.63 25.13
N PHE A 216 -12.65 29.52 25.36
CA PHE A 216 -13.95 29.55 26.02
C PHE A 216 -14.01 28.53 27.15
N PRO A 217 -13.06 28.59 28.11
CA PRO A 217 -13.02 27.56 29.15
C PRO A 217 -14.23 27.59 30.08
N ASP A 218 -14.91 28.72 30.14
CA ASP A 218 -16.13 28.89 30.92
C ASP A 218 -17.28 28.06 30.38
N ILE A 219 -17.34 27.92 29.06
CA ILE A 219 -18.42 27.20 28.38
C ILE A 219 -18.23 25.69 28.42
N ILE A 220 -17.08 25.22 27.94
CA ILE A 220 -16.80 23.78 27.85
C ILE A 220 -16.78 23.09 29.22
N SER A 221 -16.45 23.84 30.27
CA SER A 221 -16.49 23.31 31.63
C SER A 221 -17.87 23.46 32.23
N GLY A 222 -18.69 24.30 31.60
CA GLY A 222 -20.04 24.59 32.08
C GLY A 222 -21.07 23.55 31.67
N PRO A 223 -22.37 23.89 31.81
CA PRO A 223 -23.46 22.96 31.52
C PRO A 223 -23.63 22.66 30.02
N GLN A 224 -24.04 21.43 29.73
CA GLN A 224 -24.19 20.92 28.35
C GLN A 224 -25.08 21.78 27.46
N GLN A 225 -26.06 22.43 28.08
CA GLN A 225 -26.99 23.31 27.36
C GLN A 225 -26.26 24.48 26.71
N THR A 226 -25.38 25.14 27.47
CA THR A 226 -24.63 26.29 26.99
C THR A 226 -23.73 25.91 25.81
N GLN A 227 -23.07 24.76 25.93
CA GLN A 227 -22.18 24.25 24.90
C GLN A 227 -22.85 24.13 23.54
N LYS A 228 -24.08 23.60 23.55
CA LYS A 228 -24.87 23.45 22.32
C LYS A 228 -25.28 24.80 21.73
N VAL A 229 -25.49 25.79 22.60
CA VAL A 229 -25.77 27.15 22.15
C VAL A 229 -24.52 27.71 21.47
N PHE A 230 -23.37 27.55 22.15
CA PHE A 230 -22.07 27.96 21.62
C PHE A 230 -21.84 27.34 20.24
N LEU A 231 -21.96 26.01 20.18
CA LEU A 231 -21.72 25.25 18.97
C LEU A 231 -22.58 25.75 17.81
N PHE A 232 -23.86 26.01 18.08
CA PHE A 232 -24.76 26.54 17.05
C PHE A 232 -24.29 27.91 16.56
N ILE A 233 -24.01 28.81 17.50
CA ILE A 233 -23.57 30.16 17.17
C ILE A 233 -22.34 30.08 16.25
N ARG A 234 -21.35 29.31 16.69
CA ARG A 234 -20.14 29.04 15.91
C ARG A 234 -20.49 28.54 14.50
N ASN A 235 -21.25 27.45 14.44
CA ASN A 235 -21.64 26.84 13.17
C ASN A 235 -22.42 27.78 12.25
N ARG A 236 -23.38 28.50 12.82
CA ARG A 236 -24.23 29.42 12.05
C ARG A 236 -23.43 30.59 11.48
N THR A 237 -22.49 31.11 12.27
CA THR A 237 -21.60 32.18 11.82
C THR A 237 -20.73 31.70 10.66
N LEU A 238 -20.22 30.47 10.78
CA LEU A 238 -19.43 29.84 9.74
C LEU A 238 -20.22 29.73 8.44
N GLN A 239 -21.46 29.23 8.55
CA GLN A 239 -22.37 29.11 7.42
C GLN A 239 -22.51 30.44 6.71
N LEU A 240 -22.76 31.51 7.48
CA LEU A 240 -22.96 32.85 6.93
C LEU A 240 -21.76 33.29 6.08
N TRP A 241 -20.57 33.18 6.66
CA TRP A 241 -19.33 33.53 5.95
C TRP A 241 -19.14 32.68 4.73
N LEU A 242 -19.39 31.38 4.86
CA LEU A 242 -19.19 30.44 3.76
C LEU A 242 -20.14 30.69 2.59
N ASP A 243 -21.41 30.93 2.91
CA ASP A 243 -22.44 31.19 1.91
C ASP A 243 -22.15 32.43 1.07
N ASN A 244 -21.39 33.36 1.66
CA ASN A 244 -20.94 34.55 0.94
C ASN A 244 -19.53 34.95 1.37
N PRO A 245 -18.51 34.35 0.75
CA PRO A 245 -17.13 34.59 1.15
C PRO A 245 -16.44 35.73 0.41
N LYS A 246 -17.20 36.51 -0.36
CA LYS A 246 -16.62 37.65 -1.08
C LYS A 246 -16.81 39.00 -0.37
N ILE A 247 -17.51 38.98 0.75
CA ILE A 247 -17.66 40.18 1.60
C ILE A 247 -17.35 39.86 3.06
N GLN A 248 -16.82 40.86 3.78
CA GLN A 248 -16.52 40.73 5.20
C GLN A 248 -17.80 40.42 5.98
N LEU A 249 -17.69 39.53 6.96
CA LEU A 249 -18.79 39.24 7.86
C LEU A 249 -18.53 39.88 9.22
N THR A 250 -19.24 40.96 9.49
CA THR A 250 -19.07 41.73 10.73
C THR A 250 -19.86 41.12 11.87
N PHE A 251 -19.57 41.57 13.09
CA PHE A 251 -20.32 41.14 14.27
C PHE A 251 -21.79 41.56 14.18
N GLU A 252 -22.03 42.76 13.66
CA GLU A 252 -23.37 43.29 13.50
C GLU A 252 -24.19 42.42 12.55
N ALA A 253 -23.63 42.13 11.37
CA ALA A 253 -24.29 41.30 10.37
C ALA A 253 -24.60 39.89 10.90
N THR A 254 -23.73 39.40 11.77
CA THR A 254 -23.88 38.06 12.36
C THR A 254 -25.05 38.03 13.34
N LEU A 255 -25.08 38.99 14.26
CA LEU A 255 -26.15 39.11 15.25
C LEU A 255 -27.50 39.34 14.58
N GLN A 256 -27.48 40.13 13.50
CA GLN A 256 -28.66 40.41 12.70
C GLN A 256 -29.42 39.15 12.28
N GLN A 257 -28.68 38.11 11.92
CA GLN A 257 -29.27 36.89 11.37
C GLN A 257 -29.29 35.71 12.35
N LEU A 258 -29.43 36.00 13.64
CA LEU A 258 -29.56 34.95 14.66
C LEU A 258 -30.95 34.95 15.30
N GLU A 259 -31.37 33.77 15.75
CA GLU A 259 -32.68 33.59 16.39
C GLU A 259 -32.56 33.57 17.90
N ALA A 260 -33.70 33.49 18.60
CA ALA A 260 -33.71 33.29 20.04
C ALA A 260 -33.61 31.78 20.33
N PRO A 261 -32.93 31.40 21.41
CA PRO A 261 -32.21 32.23 22.38
C PRO A 261 -30.75 32.52 21.98
N TYR A 262 -30.43 32.33 20.71
CA TYR A 262 -29.06 32.44 20.22
C TYR A 262 -28.59 33.90 20.08
N ASN A 263 -29.52 34.82 19.92
CA ASN A 263 -29.20 36.25 19.84
C ASN A 263 -29.49 37.02 21.14
N SER A 264 -29.83 36.28 22.19
CA SER A 264 -30.11 36.87 23.50
C SER A 264 -28.83 37.31 24.20
N ASP A 265 -27.81 36.46 24.17
CA ASP A 265 -26.52 36.78 24.77
C ASP A 265 -25.58 37.35 23.70
N THR A 266 -25.48 38.67 23.66
CA THR A 266 -24.69 39.35 22.62
C THR A 266 -23.18 39.31 22.88
N VAL A 267 -22.78 39.17 24.13
CA VAL A 267 -21.35 39.05 24.46
C VAL A 267 -20.79 37.67 24.11
N LEU A 268 -21.64 36.65 24.18
CA LEU A 268 -21.27 35.32 23.71
C LEU A 268 -21.10 35.32 22.19
N VAL A 269 -22.04 35.95 21.48
CA VAL A 269 -21.96 36.09 20.03
C VAL A 269 -20.70 36.85 19.61
N HIS A 270 -20.36 37.90 20.37
CA HIS A 270 -19.17 38.71 20.08
C HIS A 270 -17.90 37.95 20.31
N ARG A 271 -17.84 37.20 21.41
CA ARG A 271 -16.70 36.34 21.71
C ARG A 271 -16.48 35.30 20.61
N VAL A 272 -17.55 34.65 20.17
CA VAL A 272 -17.50 33.67 19.10
C VAL A 272 -17.00 34.31 17.79
N HIS A 273 -17.64 35.40 17.37
CA HIS A 273 -17.27 36.05 16.10
C HIS A 273 -15.82 36.45 16.08
N SER A 274 -15.36 37.05 17.17
CA SER A 274 -13.98 37.52 17.28
C SER A 274 -12.99 36.37 17.16
N TYR A 275 -13.30 35.27 17.85
CA TYR A 275 -12.50 34.04 17.80
C TYR A 275 -12.35 33.52 16.37
N LEU A 276 -13.48 33.37 15.69
CA LEU A 276 -13.49 32.87 14.32
C LEU A 276 -12.78 33.80 13.34
N GLU A 277 -12.80 35.09 13.64
CA GLU A 277 -12.13 36.07 12.80
C GLU A 277 -10.62 36.07 13.05
N ARG A 278 -10.25 35.86 14.30
CA ARG A 278 -8.85 35.86 14.73
C ARG A 278 -8.08 34.70 14.11
N HIS A 279 -8.71 33.53 14.09
CA HIS A 279 -8.06 32.32 13.61
C HIS A 279 -8.36 31.99 12.18
N GLY A 280 -8.81 32.98 11.43
CA GLY A 280 -8.99 32.87 9.98
C GLY A 280 -9.99 31.84 9.51
N LEU A 281 -10.99 31.55 10.35
CA LEU A 281 -12.09 30.67 9.97
C LEU A 281 -13.13 31.44 9.18
N ILE A 282 -13.29 32.72 9.52
CA ILE A 282 -14.11 33.65 8.74
C ILE A 282 -13.26 34.86 8.36
N ASN A 283 -13.64 35.54 7.29
CA ASN A 283 -12.94 36.74 6.81
C ASN A 283 -11.44 36.50 6.56
N PHE A 284 -11.16 35.54 5.69
CA PHE A 284 -9.79 35.28 5.24
C PHE A 284 -9.71 35.27 3.72
N GLY A 285 -8.53 35.56 3.19
CA GLY A 285 -8.31 35.58 1.76
C GLY A 285 -8.59 36.94 1.15
N ILE A 286 -9.42 36.98 0.11
CA ILE A 286 -9.73 38.21 -0.59
C ILE A 286 -11.23 38.50 -0.56
N TYR A 287 -11.60 39.50 0.22
CA TYR A 287 -13.00 39.86 0.42
C TYR A 287 -13.17 41.37 0.47
N LYS A 288 -14.37 41.84 0.12
CA LYS A 288 -14.71 43.26 0.21
C LYS A 288 -14.87 43.63 1.69
N ARG A 289 -14.10 44.64 2.10
CA ARG A 289 -14.11 45.09 3.48
C ARG A 289 -15.19 46.15 3.69
N ILE A 290 -16.05 45.92 4.68
CA ILE A 290 -17.12 46.88 5.00
C ILE A 290 -16.58 48.10 5.75
N LYS A 291 -15.79 47.86 6.80
CA LYS A 291 -15.19 48.93 7.59
C LYS A 291 -13.75 49.18 7.16
N PRO A 292 -13.50 50.22 6.33
CA PRO A 292 -12.15 50.50 5.81
C PRO A 292 -11.06 50.42 6.91
N LEU A 293 -9.90 49.89 6.53
CA LEU A 293 -8.81 49.57 7.47
C LEU A 293 -8.53 50.66 8.51
N PRO A 294 -8.28 50.25 9.77
CA PRO A 294 -7.90 51.14 10.87
C PRO A 294 -6.89 52.20 10.44
N THR A 295 -7.13 53.44 10.88
CA THR A 295 -6.31 54.59 10.48
C THR A 295 -4.82 54.43 10.80
N LYS A 296 -4.52 53.93 12.00
CA LYS A 296 -3.14 53.75 12.44
C LYS A 296 -2.87 52.29 12.84
N LYS A 297 -1.64 51.85 12.58
CA LYS A 297 -1.24 50.47 12.79
C LYS A 297 -0.65 50.25 14.17
N THR A 298 -0.68 49.00 14.62
CA THR A 298 -0.15 48.61 15.92
C THR A 298 0.79 47.42 15.76
N GLY A 299 2.02 47.56 16.23
CA GLY A 299 3.01 46.50 16.11
C GLY A 299 3.60 46.38 14.71
N LYS A 300 4.80 45.82 14.62
CA LYS A 300 5.51 45.67 13.35
C LYS A 300 6.04 44.25 13.17
N VAL A 301 5.66 43.62 12.06
CA VAL A 301 6.06 42.23 11.76
C VAL A 301 6.76 42.14 10.41
N ILE A 302 7.94 41.53 10.41
CA ILE A 302 8.64 41.15 9.17
C ILE A 302 8.31 39.70 8.86
N ILE A 303 7.88 39.44 7.62
CA ILE A 303 7.59 38.08 7.15
C ILE A 303 8.59 37.65 6.09
N ILE A 304 9.36 36.61 6.41
CA ILE A 304 10.32 36.04 5.48
C ILE A 304 9.62 35.08 4.52
N GLY A 305 9.71 35.40 3.23
CA GLY A 305 9.09 34.63 2.17
C GLY A 305 7.66 35.04 1.86
N SER A 306 7.35 35.18 0.56
CA SER A 306 6.00 35.51 0.11
C SER A 306 5.37 34.36 -0.66
N GLY A 307 5.60 33.14 -0.19
CA GLY A 307 4.84 31.98 -0.61
C GLY A 307 3.43 32.08 -0.03
N VAL A 308 2.59 31.09 -0.34
CA VAL A 308 1.18 31.11 0.09
C VAL A 308 1.06 31.29 1.60
N SER A 309 1.83 30.52 2.38
CA SER A 309 1.80 30.64 3.84
C SER A 309 2.11 32.06 4.31
N GLY A 310 3.21 32.62 3.80
CA GLY A 310 3.59 34.01 4.09
C GLY A 310 2.47 34.98 3.74
N LEU A 311 2.00 34.93 2.50
CA LEU A 311 0.94 35.82 2.02
C LEU A 311 -0.32 35.71 2.86
N ALA A 312 -0.76 34.48 3.12
CA ALA A 312 -1.95 34.25 3.93
C ALA A 312 -1.83 34.95 5.27
N ALA A 313 -0.70 34.74 5.95
CA ALA A 313 -0.43 35.33 7.24
C ALA A 313 -0.39 36.85 7.17
N ALA A 314 0.29 37.38 6.16
CA ALA A 314 0.40 38.81 5.93
C ALA A 314 -0.96 39.48 5.85
N ARG A 315 -1.84 38.96 5.00
CA ARG A 315 -3.18 39.51 4.82
C ARG A 315 -3.94 39.56 6.12
N GLN A 316 -3.80 38.51 6.93
CA GLN A 316 -4.48 38.41 8.21
C GLN A 316 -3.98 39.48 9.18
N LEU A 317 -2.66 39.61 9.27
CA LEU A 317 -2.04 40.56 10.19
C LEU A 317 -2.38 42.00 9.81
N GLN A 318 -2.36 42.29 8.51
CA GLN A 318 -2.81 43.58 7.99
C GLN A 318 -4.29 43.81 8.28
N SER A 319 -5.09 42.74 8.18
CA SER A 319 -6.52 42.80 8.52
C SER A 319 -6.74 43.17 9.97
N PHE A 320 -5.79 42.79 10.83
CA PHE A 320 -5.88 43.07 12.26
C PHE A 320 -5.24 44.41 12.61
N GLY A 321 -4.77 45.12 11.58
CA GLY A 321 -4.15 46.42 11.76
C GLY A 321 -2.75 46.34 12.34
N MET A 322 -1.85 45.69 11.60
CA MET A 322 -0.45 45.60 11.98
C MET A 322 0.42 46.02 10.80
N ASP A 323 1.61 46.52 11.10
CA ASP A 323 2.57 46.87 10.06
C ASP A 323 3.26 45.60 9.59
N VAL A 324 3.01 45.24 8.32
CA VAL A 324 3.53 44.00 7.77
C VAL A 324 4.37 44.27 6.51
N THR A 325 5.56 43.68 6.49
CA THR A 325 6.40 43.72 5.31
C THR A 325 6.95 42.32 5.04
N LEU A 326 6.75 41.86 3.81
CA LEU A 326 7.26 40.57 3.36
C LEU A 326 8.57 40.74 2.61
N LEU A 327 9.52 39.86 2.91
CA LEU A 327 10.81 39.85 2.24
C LEU A 327 10.95 38.60 1.37
N GLU A 328 10.97 38.81 0.06
CA GLU A 328 11.01 37.72 -0.89
C GLU A 328 12.30 37.76 -1.70
N ALA A 329 13.02 36.65 -1.70
CA ALA A 329 14.27 36.51 -2.46
C ALA A 329 14.05 36.48 -3.97
N ARG A 330 12.95 35.84 -4.39
CA ARG A 330 12.59 35.76 -5.79
C ARG A 330 12.09 37.10 -6.34
N ASP A 331 12.02 37.19 -7.67
CA ASP A 331 11.45 38.34 -8.36
C ASP A 331 9.95 38.17 -8.58
N ARG A 332 9.34 37.23 -7.84
CA ARG A 332 7.91 36.95 -7.93
C ARG A 332 7.37 36.41 -6.61
N VAL A 333 6.05 36.52 -6.44
CA VAL A 333 5.37 35.90 -5.31
C VAL A 333 5.06 34.42 -5.59
N GLY A 334 4.53 33.72 -4.58
CA GLY A 334 4.02 32.36 -4.79
C GLY A 334 4.97 31.24 -4.43
N GLY A 335 6.26 31.49 -4.60
CA GLY A 335 7.28 30.51 -4.27
C GLY A 335 7.08 29.20 -5.01
N ARG A 336 6.71 28.17 -4.25
CA ARG A 336 6.51 26.82 -4.81
C ARG A 336 5.20 26.69 -5.59
N VAL A 337 4.40 27.75 -5.63
CA VAL A 337 3.32 27.87 -6.59
C VAL A 337 3.88 28.70 -7.74
N ALA A 338 4.41 28.01 -8.74
CA ALA A 338 4.96 28.64 -9.94
C ALA A 338 4.10 28.28 -11.14
N THR A 339 3.97 29.23 -12.06
CA THR A 339 3.18 29.03 -13.28
C THR A 339 3.91 29.59 -14.48
N PHE A 340 4.25 28.71 -15.43
CA PHE A 340 4.85 29.11 -16.69
C PHE A 340 3.79 29.75 -17.58
N ARG A 341 4.13 30.92 -18.11
CA ARG A 341 3.27 31.65 -19.03
C ARG A 341 4.08 32.22 -20.19
N LYS A 342 3.63 31.90 -21.40
CA LYS A 342 4.28 32.36 -22.64
C LYS A 342 3.26 32.20 -23.75
N GLY A 343 2.84 33.33 -24.33
CA GLY A 343 1.78 33.34 -25.33
C GLY A 343 0.46 32.88 -24.74
N ASN A 344 -0.05 31.77 -25.24
CA ASN A 344 -1.29 31.18 -24.75
C ASN A 344 -1.02 29.93 -23.91
N TYR A 345 0.26 29.59 -23.77
CA TYR A 345 0.67 28.44 -22.98
C TYR A 345 0.65 28.76 -21.48
N VAL A 346 -0.07 27.93 -20.73
CA VAL A 346 -0.16 28.06 -19.28
C VAL A 346 0.04 26.69 -18.64
N ALA A 347 1.10 26.55 -17.84
CA ALA A 347 1.41 25.29 -17.16
C ALA A 347 2.11 25.51 -15.82
N ASP A 348 1.62 24.84 -14.78
CA ASP A 348 2.20 24.97 -13.44
C ASP A 348 3.43 24.08 -13.28
N LEU A 349 4.54 24.70 -12.90
CA LEU A 349 5.76 23.97 -12.59
C LEU A 349 5.80 23.51 -11.13
N GLY A 350 4.95 24.14 -10.31
CA GLY A 350 4.84 23.79 -8.90
C GLY A 350 3.50 23.16 -8.61
N ALA A 351 2.81 23.66 -7.58
CA ALA A 351 1.48 23.19 -7.22
C ALA A 351 0.54 23.22 -8.42
N MET A 352 -0.30 22.19 -8.53
CA MET A 352 -1.10 21.96 -9.73
C MET A 352 -2.52 21.49 -9.39
N VAL A 353 -2.65 20.72 -8.32
CA VAL A 353 -3.89 20.02 -8.01
C VAL A 353 -4.53 20.48 -6.70
N VAL A 354 -5.83 20.75 -6.75
CA VAL A 354 -6.64 20.97 -5.56
C VAL A 354 -7.20 19.62 -5.15
N THR A 355 -6.75 19.10 -4.02
CA THR A 355 -7.09 17.73 -3.63
C THR A 355 -8.47 17.61 -2.97
N GLY A 356 -9.51 18.01 -3.72
CA GLY A 356 -10.90 17.93 -3.23
C GLY A 356 -11.35 19.20 -2.53
N LEU A 357 -12.61 19.55 -2.70
CA LEU A 357 -13.16 20.78 -2.12
C LEU A 357 -13.84 20.56 -0.76
N GLY A 358 -14.07 19.31 -0.40
CA GLY A 358 -14.79 18.96 0.83
C GLY A 358 -13.99 19.26 2.09
N GLY A 359 -14.14 20.47 2.60
CA GLY A 359 -13.41 20.91 3.80
C GLY A 359 -12.13 21.64 3.46
N ASN A 360 -11.89 21.84 2.17
CA ASN A 360 -10.70 22.52 1.69
C ASN A 360 -10.87 24.03 1.77
N PRO A 361 -9.96 24.71 2.49
CA PRO A 361 -9.99 26.17 2.53
C PRO A 361 -9.91 26.78 1.13
N MET A 362 -9.26 26.08 0.21
CA MET A 362 -9.12 26.55 -1.18
C MET A 362 -10.46 26.62 -1.91
N ALA A 363 -11.47 25.93 -1.38
CA ALA A 363 -12.83 26.02 -1.89
C ALA A 363 -13.37 27.44 -1.74
N VAL A 364 -13.10 28.05 -0.57
CA VAL A 364 -13.42 29.46 -0.32
C VAL A 364 -12.60 30.36 -1.24
N VAL A 365 -11.29 30.14 -1.28
CA VAL A 365 -10.39 30.94 -2.11
C VAL A 365 -10.84 30.96 -3.57
N SER A 366 -11.28 29.81 -4.07
CA SER A 366 -11.69 29.66 -5.47
C SER A 366 -12.96 30.45 -5.79
N LYS A 367 -13.78 30.71 -4.78
CA LYS A 367 -14.95 31.56 -4.94
C LYS A 367 -14.57 33.04 -4.89
N GLN A 368 -13.41 33.33 -4.29
CA GLN A 368 -12.92 34.70 -4.16
C GLN A 368 -12.08 35.11 -5.36
N VAL A 369 -11.38 34.15 -5.95
CA VAL A 369 -10.48 34.39 -7.08
C VAL A 369 -11.01 33.66 -8.30
N ASN A 370 -10.79 34.23 -9.48
CA ASN A 370 -11.14 33.59 -10.74
C ASN A 370 -10.26 32.36 -11.03
N MET A 371 -10.58 31.26 -10.36
CA MET A 371 -9.90 29.98 -10.60
C MET A 371 -10.79 29.12 -11.48
N GLU A 372 -10.24 28.66 -12.59
CA GLU A 372 -10.96 27.74 -13.47
C GLU A 372 -10.60 26.32 -13.05
N LEU A 373 -11.47 25.71 -12.25
CA LEU A 373 -11.20 24.38 -11.69
C LEU A 373 -11.83 23.26 -12.52
N ALA A 374 -10.96 22.43 -13.10
CA ALA A 374 -11.37 21.30 -13.93
C ALA A 374 -11.07 19.97 -13.26
N LYS A 375 -12.06 19.08 -13.26
CA LYS A 375 -11.92 17.75 -12.65
C LYS A 375 -10.94 16.87 -13.41
N ILE A 376 -10.29 15.96 -12.68
CA ILE A 376 -9.33 15.03 -13.26
C ILE A 376 -10.02 13.68 -13.44
N LYS A 377 -9.95 13.14 -14.66
CA LYS A 377 -10.51 11.82 -14.95
C LYS A 377 -9.56 10.72 -14.47
N GLN A 378 -10.08 9.80 -13.67
CA GLN A 378 -9.28 8.80 -12.96
C GLN A 378 -8.49 7.83 -13.85
N LYS A 379 -9.03 7.51 -15.03
CA LYS A 379 -8.44 6.49 -15.90
C LYS A 379 -7.04 6.87 -16.37
N CYS A 380 -6.09 5.94 -16.17
CA CYS A 380 -4.69 6.15 -16.55
C CYS A 380 -4.11 4.94 -17.28
N PRO A 381 -4.25 4.91 -18.62
CA PRO A 381 -3.68 3.83 -19.43
C PRO A 381 -2.15 3.80 -19.38
N LEU A 382 -1.59 2.61 -19.18
CA LEU A 382 -0.14 2.44 -19.09
C LEU A 382 0.43 1.96 -20.42
N TYR A 383 1.72 2.21 -20.63
CA TYR A 383 2.40 1.82 -21.86
C TYR A 383 3.81 1.37 -21.54
N GLU A 384 4.11 0.11 -21.87
CA GLU A 384 5.42 -0.49 -21.58
C GLU A 384 6.54 0.15 -22.39
N ALA A 385 7.78 -0.23 -22.08
CA ALA A 385 8.97 0.33 -22.72
C ALA A 385 8.91 0.33 -24.25
N ASN A 386 8.34 -0.73 -24.82
CA ASN A 386 8.20 -0.88 -26.27
C ASN A 386 7.25 0.14 -26.90
N GLY A 387 6.28 0.59 -26.12
CA GLY A 387 5.27 1.53 -26.60
C GLY A 387 3.89 0.90 -26.72
N GLN A 388 3.79 -0.36 -26.29
CA GLN A 388 2.52 -1.10 -26.32
C GLN A 388 1.74 -0.93 -25.03
N ALA A 389 0.44 -0.71 -25.17
CA ALA A 389 -0.46 -0.54 -24.02
C ALA A 389 -0.58 -1.82 -23.19
N VAL A 390 -0.62 -1.66 -21.87
CA VAL A 390 -0.82 -2.77 -20.96
C VAL A 390 -2.30 -3.19 -20.99
N PRO A 391 -2.56 -4.48 -21.30
CA PRO A 391 -3.94 -5.01 -21.39
C PRO A 391 -4.68 -4.91 -20.06
N LYS A 392 -5.98 -4.63 -20.13
CA LYS A 392 -6.84 -4.48 -18.95
C LYS A 392 -6.78 -5.67 -18.00
N GLU A 393 -6.39 -6.83 -18.54
CA GLU A 393 -6.14 -8.03 -17.75
C GLU A 393 -5.06 -7.78 -16.71
N LYS A 394 -3.84 -7.48 -17.18
CA LYS A 394 -2.69 -7.21 -16.33
C LYS A 394 -2.90 -5.93 -15.51
N ASP A 395 -3.19 -4.84 -16.22
CA ASP A 395 -3.38 -3.52 -15.64
C ASP A 395 -4.14 -3.55 -14.32
N GLU A 396 -5.28 -4.24 -14.32
CA GLU A 396 -6.13 -4.33 -13.14
C GLU A 396 -5.57 -5.24 -12.06
N MET A 397 -4.89 -6.29 -12.47
CA MET A 397 -4.46 -7.33 -11.53
C MET A 397 -3.04 -7.11 -10.99
N VAL A 398 -2.38 -6.07 -11.48
CA VAL A 398 -1.10 -5.62 -10.92
C VAL A 398 -1.40 -4.50 -9.92
N GLU A 399 -2.27 -3.58 -10.32
CA GLU A 399 -2.73 -2.50 -9.45
C GLU A 399 -3.33 -3.05 -8.17
N GLN A 400 -4.19 -4.06 -8.31
CA GLN A 400 -4.82 -4.72 -7.17
C GLN A 400 -3.77 -5.28 -6.22
N GLU A 401 -2.71 -5.84 -6.80
CA GLU A 401 -1.61 -6.39 -6.00
C GLU A 401 -0.86 -5.28 -5.28
N PHE A 402 -0.69 -4.14 -5.96
CA PHE A 402 -0.06 -2.95 -5.38
C PHE A 402 -0.79 -2.48 -4.11
N ASN A 403 -2.11 -2.27 -4.24
CA ASN A 403 -2.94 -1.86 -3.11
C ASN A 403 -2.89 -2.86 -1.96
N ARG A 404 -2.82 -4.14 -2.31
CA ARG A 404 -2.74 -5.22 -1.33
C ARG A 404 -1.37 -5.29 -0.66
N LEU A 405 -0.33 -4.94 -1.41
CA LEU A 405 1.02 -4.83 -0.87
C LEU A 405 1.15 -3.69 0.15
N LEU A 406 0.48 -2.58 -0.11
CA LEU A 406 0.44 -1.46 0.84
C LEU A 406 -0.25 -1.85 2.14
N GLU A 407 -1.47 -2.36 2.05
CA GLU A 407 -2.23 -2.81 3.22
C GLU A 407 -1.40 -3.78 4.06
N ALA A 408 -0.60 -4.60 3.38
CA ALA A 408 0.29 -5.56 4.01
C ALA A 408 1.37 -4.89 4.86
N THR A 409 1.94 -3.80 4.33
CA THR A 409 2.95 -3.04 5.07
C THR A 409 2.31 -2.43 6.33
N SER A 410 1.08 -1.94 6.18
CA SER A 410 0.32 -1.39 7.30
C SER A 410 0.09 -2.46 8.36
N TYR A 411 -0.20 -3.69 7.92
CA TYR A 411 -0.32 -4.83 8.81
C TYR A 411 1.00 -5.12 9.51
N LEU A 412 2.10 -5.11 8.76
CA LEU A 412 3.44 -5.29 9.32
C LEU A 412 3.73 -4.25 10.39
N SER A 413 3.34 -3.00 10.11
CA SER A 413 3.63 -1.88 10.99
C SER A 413 2.83 -1.93 12.28
N HIS A 414 1.50 -1.97 12.14
CA HIS A 414 0.62 -1.85 13.30
C HIS A 414 0.38 -3.14 14.03
N GLN A 415 0.06 -4.19 13.29
CA GLN A 415 -0.30 -5.48 13.89
C GLN A 415 0.91 -6.29 14.35
N LEU A 416 1.91 -6.41 13.48
CA LEU A 416 3.12 -7.19 13.81
C LEU A 416 4.20 -6.35 14.50
N ASP A 417 4.01 -5.02 14.48
CA ASP A 417 4.95 -4.05 15.10
C ASP A 417 6.37 -4.13 14.53
N PHE A 418 6.47 -4.34 13.23
CA PHE A 418 7.75 -4.41 12.53
C PHE A 418 8.19 -3.00 12.14
N ASN A 419 8.78 -2.29 13.10
CA ASN A 419 9.11 -0.87 12.91
C ASN A 419 10.57 -0.52 13.13
N VAL A 420 11.31 -1.37 13.85
CA VAL A 420 12.74 -1.19 14.04
C VAL A 420 13.50 -2.44 13.57
N LEU A 421 14.52 -2.24 12.74
CA LEU A 421 15.36 -3.33 12.26
C LEU A 421 16.84 -2.96 12.39
N ASN A 422 17.50 -3.57 13.38
CA ASN A 422 18.90 -3.28 13.71
C ASN A 422 19.12 -1.83 14.11
N ASN A 423 18.34 -1.37 15.08
CA ASN A 423 18.35 0.01 15.60
C ASN A 423 17.81 1.05 14.63
N LYS A 424 18.03 0.84 13.34
CA LYS A 424 17.50 1.71 12.28
C LYS A 424 15.98 1.58 12.20
N PRO A 425 15.26 2.71 12.04
CA PRO A 425 13.82 2.64 11.80
C PRO A 425 13.49 2.09 10.41
N VAL A 426 12.51 1.19 10.35
CA VAL A 426 12.10 0.55 9.09
C VAL A 426 11.41 1.55 8.17
N SER A 427 11.84 1.58 6.90
CA SER A 427 11.19 2.41 5.91
C SER A 427 10.05 1.67 5.21
N LEU A 428 9.26 2.40 4.42
CA LEU A 428 8.20 1.80 3.61
C LEU A 428 8.78 0.89 2.53
N GLY A 429 9.86 1.35 1.88
CA GLY A 429 10.58 0.57 0.88
C GLY A 429 11.11 -0.75 1.40
N GLN A 430 11.74 -0.71 2.57
CA GLN A 430 12.20 -1.93 3.26
C GLN A 430 11.05 -2.91 3.47
N ALA A 431 9.93 -2.41 3.98
CA ALA A 431 8.77 -3.22 4.30
C ALA A 431 8.12 -3.82 3.07
N LEU A 432 8.11 -3.06 1.97
CA LEU A 432 7.59 -3.56 0.70
C LEU A 432 8.43 -4.73 0.17
N GLU A 433 9.75 -4.62 0.26
CA GLU A 433 10.67 -5.70 -0.10
C GLU A 433 10.37 -6.94 0.74
N VAL A 434 10.31 -6.74 2.06
CA VAL A 434 10.00 -7.82 3.00
C VAL A 434 8.68 -8.51 2.66
N VAL A 435 7.65 -7.74 2.32
CA VAL A 435 6.35 -8.31 1.97
C VAL A 435 6.43 -9.10 0.67
N ILE A 436 7.03 -8.51 -0.37
CA ILE A 436 7.22 -9.19 -1.65
C ILE A 436 7.96 -10.52 -1.49
N GLN A 437 9.07 -10.50 -0.75
CA GLN A 437 9.85 -11.70 -0.47
C GLN A 437 9.01 -12.80 0.16
N LEU A 438 8.22 -12.44 1.18
CA LEU A 438 7.32 -13.39 1.84
C LEU A 438 6.22 -13.90 0.91
N GLN A 439 5.89 -13.13 -0.13
CA GLN A 439 4.92 -13.56 -1.13
C GLN A 439 5.57 -14.50 -2.14
N GLU A 440 6.83 -14.25 -2.46
CA GLU A 440 7.62 -15.14 -3.31
C GLU A 440 7.94 -16.45 -2.56
N LYS A 441 8.14 -16.34 -1.25
CA LYS A 441 8.37 -17.50 -0.40
C LYS A 441 7.15 -18.43 -0.39
N HIS A 442 5.98 -17.84 -0.14
CA HIS A 442 4.72 -18.59 -0.11
C HIS A 442 4.48 -19.32 -1.41
N VAL A 443 4.78 -18.67 -2.54
CA VAL A 443 4.66 -19.30 -3.86
C VAL A 443 5.47 -20.60 -3.92
N LYS A 444 6.70 -20.56 -3.42
CA LYS A 444 7.58 -21.72 -3.36
C LYS A 444 7.08 -22.76 -2.35
N ASP A 445 6.69 -22.30 -1.16
CA ASP A 445 6.10 -23.16 -0.13
C ASP A 445 4.92 -23.98 -0.68
N GLU A 446 4.09 -23.33 -1.49
CA GLU A 446 2.96 -23.98 -2.15
C GLU A 446 3.42 -25.05 -3.12
N GLN A 447 4.35 -24.69 -4.00
CA GLN A 447 4.90 -25.61 -4.99
C GLN A 447 5.53 -26.84 -4.34
N ILE A 448 6.34 -26.60 -3.30
CA ILE A 448 7.02 -27.67 -2.58
C ILE A 448 6.03 -28.70 -2.04
N GLU A 449 5.04 -28.25 -1.28
CA GLU A 449 4.07 -29.16 -0.67
C GLU A 449 3.04 -29.75 -1.68
N HIS A 450 3.03 -29.21 -2.90
CA HIS A 450 2.23 -29.78 -3.98
C HIS A 450 2.91 -30.97 -4.60
N TRP A 451 4.19 -30.83 -4.91
CA TRP A 451 5.00 -31.94 -5.41
C TRP A 451 5.24 -32.97 -4.34
N LYS A 452 5.25 -32.53 -3.08
CA LYS A 452 5.35 -33.41 -1.92
C LYS A 452 4.11 -34.30 -1.79
N LYS A 453 2.97 -33.77 -2.24
CA LYS A 453 1.74 -34.55 -2.36
C LYS A 453 1.87 -35.60 -3.46
N ILE A 454 2.57 -35.26 -4.53
CA ILE A 454 2.76 -36.17 -5.66
C ILE A 454 3.65 -37.36 -5.28
N VAL A 455 4.82 -37.10 -4.70
CA VAL A 455 5.74 -38.17 -4.30
C VAL A 455 5.12 -39.15 -3.29
N LYS A 456 4.26 -38.64 -2.41
CA LYS A 456 3.61 -39.49 -1.41
C LYS A 456 2.66 -40.50 -2.07
N THR A 457 1.96 -40.05 -3.11
CA THR A 457 1.04 -40.90 -3.88
C THR A 457 1.82 -41.78 -4.86
N GLN A 458 2.82 -41.20 -5.53
CA GLN A 458 3.68 -41.92 -6.46
C GLN A 458 4.45 -43.04 -5.76
N GLU A 459 4.88 -42.80 -4.52
CA GLU A 459 5.60 -43.79 -3.73
C GLU A 459 4.65 -44.78 -3.07
N GLU A 460 3.39 -44.39 -2.94
CA GLU A 460 2.35 -45.29 -2.46
C GLU A 460 1.95 -46.24 -3.61
N LEU A 461 2.01 -45.72 -4.83
CA LEU A 461 1.74 -46.51 -6.04
C LEU A 461 2.87 -47.48 -6.30
N LYS A 462 4.10 -47.06 -6.00
CA LYS A 462 5.29 -47.91 -6.14
C LYS A 462 5.16 -49.18 -5.30
N GLU A 463 4.69 -49.03 -4.06
CA GLU A 463 4.54 -50.18 -3.16
C GLU A 463 3.45 -51.15 -3.61
N LEU A 464 2.40 -50.60 -4.21
CA LEU A 464 1.30 -51.42 -4.74
C LEU A 464 1.74 -52.21 -5.96
N LEU A 465 2.51 -51.58 -6.84
CA LEU A 465 3.02 -52.24 -8.05
C LEU A 465 3.95 -53.39 -7.72
N ASN A 466 4.77 -53.23 -6.68
CA ASN A 466 5.62 -54.30 -6.18
C ASN A 466 4.81 -55.48 -5.67
N LYS A 467 3.76 -55.19 -4.92
CA LYS A 467 2.87 -56.22 -4.40
C LYS A 467 2.18 -56.95 -5.56
N MET A 468 1.76 -56.20 -6.57
CA MET A 468 1.12 -56.77 -7.75
C MET A 468 2.06 -57.65 -8.57
N VAL A 469 3.31 -57.20 -8.73
CA VAL A 469 4.31 -57.98 -9.45
C VAL A 469 4.64 -59.29 -8.71
N ASN A 470 4.77 -59.22 -7.40
CA ASN A 470 5.02 -60.39 -6.57
C ASN A 470 3.84 -61.36 -6.51
N LEU A 471 2.64 -60.85 -6.77
CA LEU A 471 1.45 -61.67 -6.77
C LEU A 471 1.23 -62.32 -8.14
N LYS A 472 1.53 -61.58 -9.21
CA LYS A 472 1.50 -62.11 -10.56
C LYS A 472 2.57 -63.18 -10.74
N GLU A 473 3.63 -63.10 -9.93
CA GLU A 473 4.69 -64.10 -9.94
C GLU A 473 4.20 -65.40 -9.30
N LYS A 474 3.49 -65.28 -8.19
CA LYS A 474 2.97 -66.44 -7.48
C LYS A 474 1.78 -67.07 -8.19
N ILE A 475 1.02 -66.25 -8.93
CA ILE A 475 -0.07 -66.74 -9.77
C ILE A 475 0.47 -67.53 -10.95
N LYS A 476 1.54 -67.01 -11.56
CA LYS A 476 2.25 -67.66 -12.65
C LYS A 476 2.71 -69.07 -12.25
N GLU A 477 3.23 -69.18 -11.02
CA GLU A 477 3.72 -70.44 -10.49
C GLU A 477 2.57 -71.39 -10.13
N LEU A 478 1.55 -70.87 -9.44
CA LEU A 478 0.39 -71.65 -9.02
C LEU A 478 -0.41 -72.23 -10.17
N HIS A 479 -0.41 -71.53 -11.30
CA HIS A 479 -1.10 -72.00 -12.50
C HIS A 479 -0.43 -73.22 -13.06
N GLN A 480 0.90 -73.18 -13.10
CA GLN A 480 1.70 -74.31 -13.57
C GLN A 480 1.49 -75.54 -12.70
N GLN A 481 1.40 -75.32 -11.39
CA GLN A 481 1.18 -76.40 -10.41
C GLN A 481 -0.19 -77.05 -10.58
N TYR A 482 -1.21 -76.22 -10.80
CA TYR A 482 -2.57 -76.68 -11.06
C TYR A 482 -2.64 -77.43 -12.39
N LYS A 483 -1.90 -76.92 -13.38
CA LYS A 483 -1.81 -77.54 -14.69
C LYS A 483 -1.21 -78.95 -14.58
N GLU A 484 -0.07 -79.06 -13.89
CA GLU A 484 0.58 -80.35 -13.62
C GLU A 484 -0.30 -81.31 -12.83
N ALA A 485 -1.15 -80.75 -11.98
CA ALA A 485 -2.08 -81.55 -11.17
C ALA A 485 -3.21 -82.12 -12.03
N SER A 486 -3.56 -81.41 -13.10
CA SER A 486 -4.61 -81.84 -14.03
C SER A 486 -4.08 -82.80 -15.12
N GLU A 487 -2.77 -83.01 -15.14
CA GLU A 487 -2.15 -84.01 -16.02
C GLU A 487 -2.39 -85.42 -15.50
N VAL A 488 -2.66 -85.54 -14.20
CA VAL A 488 -3.09 -86.80 -13.61
C VAL A 488 -4.56 -87.01 -13.96
N LYS A 489 -4.80 -87.63 -15.12
CA LYS A 489 -6.14 -87.88 -15.64
C LYS A 489 -6.94 -88.82 -14.75
N PRO A 490 -8.27 -88.61 -14.67
CA PRO A 490 -9.15 -89.51 -13.91
C PRO A 490 -9.16 -90.92 -14.50
N PRO A 491 -9.45 -91.94 -13.66
CA PRO A 491 -9.82 -91.81 -12.26
C PRO A 491 -8.60 -91.66 -11.34
N ARG A 492 -8.72 -90.77 -10.36
CA ARG A 492 -7.61 -90.51 -9.42
C ARG A 492 -8.07 -90.70 -7.98
N ASP A 493 -7.14 -91.06 -7.10
CA ASP A 493 -7.46 -91.17 -5.68
C ASP A 493 -7.79 -89.80 -5.10
N ILE A 494 -8.26 -89.77 -3.86
CA ILE A 494 -8.80 -88.54 -3.30
C ILE A 494 -7.78 -87.42 -3.04
N THR A 495 -6.56 -87.78 -2.67
CA THR A 495 -5.51 -86.78 -2.45
C THR A 495 -5.14 -86.08 -3.76
N ALA A 496 -5.09 -86.85 -4.85
CA ALA A 496 -4.82 -86.33 -6.18
C ALA A 496 -5.97 -85.44 -6.67
N GLU A 497 -7.19 -85.80 -6.23
CA GLU A 497 -8.39 -85.01 -6.52
C GLU A 497 -8.36 -83.72 -5.70
N PHE A 498 -8.00 -83.86 -4.42
CA PHE A 498 -7.88 -82.74 -3.51
C PHE A 498 -6.87 -81.71 -3.98
N LEU A 499 -5.72 -82.19 -4.47
CA LEU A 499 -4.67 -81.33 -4.98
C LEU A 499 -5.20 -80.40 -6.08
N VAL A 500 -5.94 -80.97 -7.03
CA VAL A 500 -6.52 -80.19 -8.11
C VAL A 500 -7.48 -79.14 -7.56
N LYS A 501 -8.37 -79.57 -6.67
CA LYS A 501 -9.36 -78.68 -6.06
C LYS A 501 -8.71 -77.60 -5.19
N SER A 502 -7.72 -78.02 -4.39
CA SER A 502 -6.97 -77.11 -3.54
C SER A 502 -6.33 -76.00 -4.36
N LYS A 503 -5.43 -76.38 -5.28
CA LYS A 503 -4.74 -75.42 -6.14
C LYS A 503 -5.71 -74.53 -6.93
N HIS A 504 -6.92 -75.04 -7.18
CA HIS A 504 -7.95 -74.26 -7.86
C HIS A 504 -8.45 -73.14 -6.98
N ARG A 505 -8.76 -73.48 -5.74
CA ARG A 505 -9.21 -72.50 -4.76
C ARG A 505 -8.13 -71.46 -4.50
N ASP A 506 -6.91 -71.93 -4.23
CA ASP A 506 -5.76 -71.08 -3.94
C ASP A 506 -5.48 -70.10 -5.05
N LEU A 507 -5.74 -70.51 -6.30
CA LEU A 507 -5.48 -69.65 -7.44
C LEU A 507 -6.53 -68.55 -7.57
N THR A 508 -7.80 -68.90 -7.40
CA THR A 508 -8.89 -67.92 -7.50
C THR A 508 -8.87 -66.94 -6.33
N ALA A 509 -8.36 -67.40 -5.18
CA ALA A 509 -8.12 -66.53 -4.03
C ALA A 509 -7.07 -65.46 -4.33
N LEU A 510 -5.99 -65.86 -4.99
CA LEU A 510 -4.93 -64.94 -5.39
C LEU A 510 -5.33 -64.09 -6.59
N CYS A 511 -6.27 -64.59 -7.39
CA CYS A 511 -6.83 -63.82 -8.49
C CYS A 511 -7.81 -62.78 -7.99
N LYS A 512 -8.45 -63.07 -6.86
CA LYS A 512 -9.32 -62.12 -6.17
C LYS A 512 -8.52 -60.93 -5.66
N GLU A 513 -7.41 -61.22 -4.98
CA GLU A 513 -6.52 -60.19 -4.43
C GLU A 513 -5.97 -59.25 -5.51
N TYR A 514 -5.46 -59.84 -6.59
CA TYR A 514 -4.85 -59.07 -7.68
C TYR A 514 -5.83 -58.09 -8.32
N ASP A 515 -7.09 -58.51 -8.44
CA ASP A 515 -8.13 -57.66 -9.04
C ASP A 515 -8.53 -56.51 -8.11
N GLU A 516 -8.49 -56.77 -6.81
CA GLU A 516 -8.74 -55.72 -5.80
C GLU A 516 -7.58 -54.73 -5.73
N LEU A 517 -6.39 -55.18 -6.10
CA LEU A 517 -5.20 -54.32 -6.17
C LEU A 517 -5.16 -53.52 -7.48
N ALA A 518 -5.73 -54.09 -8.55
CA ALA A 518 -5.86 -53.39 -9.83
C ALA A 518 -6.96 -52.34 -9.74
N GLU A 519 -7.87 -52.54 -8.80
CA GLU A 519 -8.90 -51.57 -8.45
C GLU A 519 -8.24 -50.34 -7.81
N THR A 520 -7.37 -50.59 -6.83
CA THR A 520 -6.62 -49.55 -6.15
C THR A 520 -5.69 -48.81 -7.12
N GLN A 521 -5.02 -49.57 -7.99
CA GLN A 521 -4.11 -49.00 -8.99
C GLN A 521 -4.80 -47.95 -9.86
N GLY A 522 -6.02 -48.26 -10.30
CA GLY A 522 -6.81 -47.35 -11.12
C GLY A 522 -7.18 -46.06 -10.42
N LYS A 523 -7.46 -46.17 -9.12
CA LYS A 523 -7.84 -45.01 -8.30
C LYS A 523 -6.67 -44.06 -8.04
N LEU A 524 -5.51 -44.61 -7.68
CA LEU A 524 -4.31 -43.81 -7.42
C LEU A 524 -3.74 -43.23 -8.72
N GLU A 525 -3.88 -43.97 -9.81
CA GLU A 525 -3.33 -43.57 -11.10
C GLU A 525 -4.02 -42.33 -11.67
N GLU A 526 -5.31 -42.17 -11.35
CA GLU A 526 -6.09 -41.00 -11.77
C GLU A 526 -6.02 -39.89 -10.72
N LYS A 527 -5.75 -40.27 -9.47
CA LYS A 527 -5.52 -39.32 -8.39
C LYS A 527 -4.22 -38.54 -8.63
N LEU A 528 -3.32 -39.15 -9.40
CA LEU A 528 -2.06 -38.51 -9.80
C LEU A 528 -2.25 -37.61 -11.01
N GLN A 529 -3.19 -37.97 -11.88
CA GLN A 529 -3.58 -37.11 -13.00
C GLN A 529 -4.40 -35.92 -12.50
N GLU A 530 -5.01 -36.09 -11.34
CA GLU A 530 -5.75 -35.02 -10.65
C GLU A 530 -4.79 -33.93 -10.17
N LEU A 531 -3.84 -34.30 -9.32
CA LEU A 531 -2.91 -33.36 -8.71
C LEU A 531 -1.96 -32.73 -9.71
N GLU A 532 -1.57 -33.48 -10.73
CA GLU A 532 -0.64 -33.00 -11.75
C GLU A 532 -1.33 -32.11 -12.80
N ALA A 533 -2.66 -32.16 -12.83
CA ALA A 533 -3.44 -31.37 -13.78
C ALA A 533 -3.62 -29.91 -13.33
N ASN A 534 -3.72 -29.71 -12.02
CA ASN A 534 -3.87 -28.36 -11.46
C ASN A 534 -2.70 -27.95 -10.54
N PRO A 535 -1.59 -27.46 -11.14
CA PRO A 535 -0.46 -27.02 -10.32
C PRO A 535 -0.71 -25.62 -9.75
N PRO A 536 -0.13 -25.32 -8.56
CA PRO A 536 -0.20 -23.97 -8.01
C PRO A 536 0.63 -22.98 -8.84
N SER A 537 0.57 -21.70 -8.47
CA SER A 537 1.24 -20.62 -9.20
C SER A 537 2.71 -20.90 -9.48
N ASP A 538 3.11 -20.64 -10.72
CA ASP A 538 4.49 -20.79 -11.17
C ASP A 538 5.39 -19.77 -10.47
N VAL A 539 5.05 -18.49 -10.63
CA VAL A 539 5.77 -17.38 -10.01
C VAL A 539 4.81 -16.46 -9.26
N TYR A 540 5.35 -15.59 -8.40
CA TYR A 540 4.54 -14.56 -7.75
C TYR A 540 4.26 -13.41 -8.73
N LEU A 541 5.33 -12.90 -9.34
CA LEU A 541 5.22 -11.88 -10.39
C LEU A 541 6.33 -12.07 -11.42
N SER A 542 5.99 -11.92 -12.70
CA SER A 542 6.98 -12.05 -13.76
C SER A 542 7.79 -10.75 -13.92
N SER A 543 8.78 -10.77 -14.80
CA SER A 543 9.59 -9.58 -15.10
C SER A 543 8.74 -8.46 -15.69
N ARG A 544 7.74 -8.83 -16.48
CA ARG A 544 6.79 -7.89 -17.07
C ARG A 544 5.88 -7.33 -15.98
N ASP A 545 5.50 -8.18 -15.03
CA ASP A 545 4.65 -7.78 -13.90
C ASP A 545 5.38 -6.82 -12.98
N ARG A 546 6.57 -7.23 -12.55
CA ARG A 546 7.40 -6.46 -11.62
C ARG A 546 7.75 -5.05 -12.15
N GLN A 547 7.71 -4.89 -13.47
CA GLN A 547 7.93 -3.58 -14.09
C GLN A 547 6.70 -2.68 -14.00
N ILE A 548 5.51 -3.26 -14.21
CA ILE A 548 4.26 -2.53 -14.08
C ILE A 548 3.98 -2.17 -12.63
N LEU A 549 4.40 -3.04 -11.71
CA LEU A 549 4.31 -2.78 -10.28
C LEU A 549 5.26 -1.65 -9.86
N ASP A 550 6.39 -1.55 -10.55
CA ASP A 550 7.34 -0.46 -10.31
C ASP A 550 6.77 0.90 -10.67
N TRP A 551 5.92 0.94 -11.68
CA TRP A 551 5.22 2.17 -12.04
C TRP A 551 4.33 2.62 -10.92
N HIS A 552 3.68 1.66 -10.27
CA HIS A 552 2.83 1.95 -9.13
C HIS A 552 3.61 2.41 -7.94
N PHE A 553 4.85 1.94 -7.83
CA PHE A 553 5.76 2.44 -6.81
C PHE A 553 6.22 3.86 -7.15
N ALA A 554 6.50 4.09 -8.44
CA ALA A 554 6.88 5.41 -8.93
C ALA A 554 5.78 6.43 -8.62
N ASN A 555 4.54 6.05 -8.86
CA ASN A 555 3.38 6.87 -8.53
C ASN A 555 3.40 7.30 -7.07
N LEU A 556 3.67 6.35 -6.19
CA LEU A 556 3.78 6.61 -4.75
C LEU A 556 4.99 7.47 -4.43
N GLU A 557 6.07 7.29 -5.19
CA GLU A 557 7.30 8.08 -5.03
C GLU A 557 7.10 9.51 -5.51
N PHE A 558 6.20 9.69 -6.47
CA PHE A 558 5.79 11.02 -6.92
C PHE A 558 4.94 11.69 -5.85
N ALA A 559 3.97 10.96 -5.32
CA ALA A 559 3.02 11.47 -4.34
C ALA A 559 3.72 11.96 -3.06
N ASN A 560 4.79 11.27 -2.68
CA ASN A 560 5.55 11.64 -1.50
C ASN A 560 6.83 12.39 -1.85
N ALA A 561 7.01 12.62 -3.15
CA ALA A 561 8.22 13.27 -3.67
C ALA A 561 9.50 12.71 -3.05
N THR A 562 9.65 11.39 -3.05
CA THR A 562 10.82 10.75 -2.44
C THR A 562 10.87 9.23 -2.68
N PRO A 563 12.08 8.68 -2.85
CA PRO A 563 12.32 7.24 -2.79
C PRO A 563 11.70 6.59 -1.56
N LEU A 564 10.92 5.52 -1.78
CA LEU A 564 10.21 4.84 -0.71
C LEU A 564 11.11 4.30 0.41
N SER A 565 12.42 4.28 0.15
CA SER A 565 13.39 3.83 1.14
C SER A 565 13.63 4.89 2.22
N THR A 566 13.07 6.08 2.02
CA THR A 566 13.27 7.20 2.94
C THR A 566 12.05 7.46 3.81
N LEU A 567 10.85 7.12 3.29
CA LEU A 567 9.58 7.32 4.02
C LEU A 567 9.50 6.48 5.29
N SER A 568 8.90 7.05 6.33
CA SER A 568 8.64 6.32 7.56
C SER A 568 7.54 5.31 7.31
N LEU A 569 7.80 4.06 7.66
CA LEU A 569 6.78 3.01 7.54
C LEU A 569 5.55 3.35 8.38
N LYS A 570 5.78 3.65 9.67
CA LYS A 570 4.69 3.88 10.60
C LYS A 570 3.87 5.14 10.30
N HIS A 571 4.53 6.18 9.80
CA HIS A 571 3.92 7.52 9.76
C HIS A 571 3.78 8.17 8.41
N TRP A 572 4.34 7.56 7.36
CA TRP A 572 4.33 8.20 6.04
C TRP A 572 2.97 8.70 5.61
N ASP A 573 1.92 8.07 6.11
CA ASP A 573 0.55 8.43 5.73
C ASP A 573 -0.27 8.95 6.91
N GLN A 574 0.41 9.47 7.93
CA GLN A 574 -0.24 9.93 9.18
C GLN A 574 -1.34 10.98 8.98
N ASP A 575 -1.26 11.72 7.89
CA ASP A 575 -2.24 12.76 7.61
C ASP A 575 -3.47 12.25 6.87
N ASP A 576 -3.63 10.92 6.83
CA ASP A 576 -4.72 10.28 6.08
C ASP A 576 -6.10 10.72 6.51
N ASP A 577 -6.37 10.64 7.81
CA ASP A 577 -7.69 10.91 8.38
C ASP A 577 -8.24 12.29 8.03
N PHE A 578 -7.35 13.18 7.60
CA PHE A 578 -7.71 14.59 7.42
C PHE A 578 -7.80 14.97 5.95
N GLU A 579 -7.84 13.96 5.08
CA GLU A 579 -7.94 14.17 3.64
C GLU A 579 -9.33 14.70 3.27
N PHE A 580 -9.40 15.50 2.22
CA PHE A 580 -10.68 16.10 1.80
C PHE A 580 -11.53 15.15 0.97
N THR A 581 -12.82 15.44 0.90
CA THR A 581 -13.76 14.69 0.06
C THR A 581 -13.96 15.42 -1.27
N GLY A 582 -14.44 14.69 -2.28
CA GLY A 582 -14.64 15.26 -3.61
C GLY A 582 -13.50 14.94 -4.55
N SER A 583 -13.76 15.04 -5.84
CA SER A 583 -12.76 14.73 -6.85
C SER A 583 -11.70 15.81 -6.93
N HIS A 584 -10.47 15.40 -7.22
CA HIS A 584 -9.35 16.32 -7.37
C HIS A 584 -9.53 17.17 -8.60
N LEU A 585 -9.04 18.39 -8.53
CA LEU A 585 -9.20 19.34 -9.64
C LEU A 585 -7.86 19.98 -10.00
N THR A 586 -7.77 20.52 -11.20
CA THR A 586 -6.59 21.29 -11.60
C THR A 586 -6.96 22.73 -11.87
N VAL A 587 -6.00 23.63 -11.65
CA VAL A 587 -6.20 25.04 -11.92
C VAL A 587 -5.88 25.24 -13.40
N ARG A 588 -6.92 25.41 -14.20
CA ARG A 588 -6.79 25.42 -15.66
C ARG A 588 -6.18 26.71 -16.18
N ASN A 589 -6.35 27.80 -15.42
CA ASN A 589 -5.79 29.10 -15.78
C ASN A 589 -4.45 29.39 -15.09
N GLY A 590 -3.88 28.37 -14.45
CA GLY A 590 -2.61 28.51 -13.73
C GLY A 590 -2.81 28.86 -12.28
N TYR A 591 -2.06 28.19 -11.40
CA TYR A 591 -2.21 28.36 -9.96
C TYR A 591 -1.73 29.72 -9.45
N SER A 592 -0.79 30.34 -10.18
CA SER A 592 -0.22 31.64 -9.79
C SER A 592 -1.29 32.71 -9.56
N CYS A 593 -2.43 32.55 -10.22
CA CYS A 593 -3.56 33.45 -10.04
C CYS A 593 -3.95 33.65 -8.58
N VAL A 594 -3.60 32.67 -7.74
CA VAL A 594 -3.94 32.70 -6.30
C VAL A 594 -2.96 33.56 -5.46
N PRO A 595 -1.65 33.22 -5.49
CA PRO A 595 -0.68 34.06 -4.78
C PRO A 595 -0.72 35.52 -5.23
N VAL A 596 -0.78 35.74 -6.54
CA VAL A 596 -0.83 37.10 -7.08
C VAL A 596 -2.04 37.86 -6.51
N ALA A 597 -3.19 37.21 -6.49
CA ALA A 597 -4.40 37.81 -5.91
C ALA A 597 -4.23 38.11 -4.42
N LEU A 598 -3.52 37.24 -3.69
CA LEU A 598 -3.29 37.44 -2.26
C LEU A 598 -2.27 38.55 -2.02
N ALA A 599 -1.34 38.71 -2.95
CA ALA A 599 -0.25 39.68 -2.85
C ALA A 599 -0.73 41.13 -3.01
N GLU A 600 -1.96 41.31 -3.48
CA GLU A 600 -2.52 42.63 -3.72
C GLU A 600 -2.71 43.41 -2.43
N GLY A 601 -2.21 44.64 -2.41
CA GLY A 601 -2.33 45.53 -1.26
C GLY A 601 -1.41 45.17 -0.10
N LEU A 602 -0.22 44.66 -0.42
CA LEU A 602 0.74 44.24 0.59
C LEU A 602 2.15 44.73 0.30
N ASP A 603 2.87 45.13 1.34
CA ASP A 603 4.22 45.62 1.21
C ASP A 603 5.19 44.45 0.99
N ILE A 604 5.52 44.18 -0.27
CA ILE A 604 6.38 43.05 -0.59
C ILE A 604 7.68 43.51 -1.24
N LYS A 605 8.80 43.29 -0.54
CA LYS A 605 10.12 43.59 -1.09
C LYS A 605 10.63 42.37 -1.83
N LEU A 606 10.53 42.40 -3.16
CA LEU A 606 11.06 41.32 -4.00
C LEU A 606 12.57 41.48 -4.15
N ASN A 607 13.25 40.43 -4.61
CA ASN A 607 14.70 40.43 -4.80
C ASN A 607 15.48 40.76 -3.54
N THR A 608 14.95 40.29 -2.40
CA THR A 608 15.48 40.61 -1.09
C THR A 608 15.72 39.31 -0.32
N ALA A 609 16.98 38.87 -0.31
CA ALA A 609 17.35 37.61 0.32
C ALA A 609 17.75 37.81 1.77
N VAL A 610 16.90 37.33 2.69
CA VAL A 610 17.24 37.34 4.12
C VAL A 610 18.52 36.54 4.36
N ARG A 611 19.47 37.16 5.04
CA ARG A 611 20.76 36.53 5.34
C ARG A 611 20.91 36.19 6.82
N GLN A 612 20.28 37.00 7.67
CA GLN A 612 20.41 36.83 9.11
C GLN A 612 19.14 37.25 9.86
N VAL A 613 18.77 36.42 10.84
CA VAL A 613 17.66 36.75 11.73
C VAL A 613 18.19 36.91 13.15
N ARG A 614 18.05 38.13 13.66
CA ARG A 614 18.48 38.49 15.00
C ARG A 614 17.25 38.79 15.85
N TYR A 615 17.11 38.07 16.95
CA TYR A 615 15.94 38.23 17.83
C TYR A 615 16.37 38.32 19.30
N THR A 616 15.87 39.34 19.98
CA THR A 616 16.19 39.59 21.38
C THR A 616 14.94 39.99 22.14
N ALA A 617 15.03 39.97 23.47
CA ALA A 617 13.91 40.28 24.36
C ALA A 617 13.17 41.56 24.01
N SER A 618 13.90 42.54 23.48
CA SER A 618 13.34 43.86 23.16
C SER A 618 12.81 43.96 21.72
N GLY A 619 13.19 43.00 20.88
CA GLY A 619 12.74 42.99 19.49
C GLY A 619 13.68 42.27 18.54
N CYS A 620 13.39 42.40 17.24
CA CYS A 620 14.11 41.69 16.21
C CYS A 620 14.65 42.61 15.13
N GLU A 621 15.79 42.23 14.56
CA GLU A 621 16.25 42.82 13.31
C GLU A 621 16.59 41.74 12.28
N VAL A 622 16.14 41.97 11.05
CA VAL A 622 16.36 41.06 9.94
C VAL A 622 17.30 41.71 8.94
N ILE A 623 18.40 41.02 8.64
CA ILE A 623 19.38 41.51 7.68
C ILE A 623 19.23 40.80 6.34
N ALA A 624 18.89 41.58 5.31
CA ALA A 624 18.71 41.06 3.97
C ALA A 624 19.62 41.77 2.96
N VAL A 625 19.79 41.19 1.79
CA VAL A 625 20.57 41.80 0.71
C VAL A 625 19.79 41.81 -0.60
N ASN A 626 20.27 42.59 -1.56
CA ASN A 626 19.71 42.60 -2.91
C ASN A 626 20.27 41.43 -3.70
N THR A 627 19.38 40.60 -4.25
CA THR A 627 19.81 39.38 -4.96
C THR A 627 20.63 39.70 -6.21
N ARG A 628 20.40 40.88 -6.77
CA ARG A 628 21.09 41.32 -7.98
C ARG A 628 22.49 41.86 -7.68
N SER A 629 22.57 42.88 -6.82
CA SER A 629 23.87 43.35 -6.30
C SER A 629 24.01 42.96 -4.83
N THR A 630 24.73 41.87 -4.58
CA THR A 630 24.72 41.20 -3.27
C THR A 630 25.46 41.93 -2.15
N SER A 631 26.02 43.10 -2.46
CA SER A 631 26.73 43.92 -1.47
C SER A 631 25.83 45.02 -0.92
N GLN A 632 24.69 45.24 -1.58
CA GLN A 632 23.72 46.26 -1.19
C GLN A 632 22.80 45.72 -0.07
N THR A 633 23.05 46.18 1.16
CA THR A 633 22.47 45.57 2.38
C THR A 633 21.28 46.31 2.98
N PHE A 634 20.33 45.56 3.52
CA PHE A 634 19.14 46.10 4.18
C PHE A 634 19.04 45.64 5.64
N ILE A 635 18.45 46.49 6.48
CA ILE A 635 18.21 46.17 7.90
C ILE A 635 16.75 46.46 8.24
N TYR A 636 16.10 45.48 8.87
CA TYR A 636 14.69 45.60 9.22
C TYR A 636 14.44 45.37 10.71
N LYS A 637 13.89 46.38 11.37
CA LYS A 637 13.57 46.29 12.79
C LYS A 637 12.09 45.96 12.95
N CYS A 638 11.78 45.01 13.82
CA CYS A 638 10.40 44.56 14.03
C CYS A 638 10.18 43.92 15.40
N ASP A 639 8.92 43.92 15.84
CA ASP A 639 8.48 43.27 17.08
C ASP A 639 8.54 41.75 16.98
N ALA A 640 8.22 41.22 15.80
CA ALA A 640 8.19 39.77 15.55
C ALA A 640 8.61 39.44 14.12
N VAL A 641 9.28 38.30 13.97
CA VAL A 641 9.57 37.75 12.64
C VAL A 641 8.78 36.45 12.41
N LEU A 642 8.07 36.39 11.30
CA LEU A 642 7.43 35.16 10.86
C LEU A 642 8.25 34.53 9.75
N CYS A 643 8.82 33.38 10.05
CA CYS A 643 9.70 32.68 9.12
C CYS A 643 8.94 31.60 8.34
N THR A 644 8.81 31.80 7.03
CA THR A 644 8.16 30.79 6.17
C THR A 644 9.15 30.16 5.19
N LEU A 645 10.44 30.23 5.53
CA LEU A 645 11.50 29.57 4.76
C LEU A 645 11.18 28.10 4.56
N PRO A 646 11.29 27.60 3.32
CA PRO A 646 11.11 26.17 3.01
C PRO A 646 12.03 25.32 3.87
N LEU A 647 11.61 24.07 4.12
CA LEU A 647 12.40 23.17 4.97
C LEU A 647 13.77 22.91 4.37
N GLY A 648 13.82 22.75 3.05
CA GLY A 648 15.08 22.58 2.33
C GLY A 648 16.05 23.70 2.59
N VAL A 649 15.53 24.92 2.60
CA VAL A 649 16.33 26.11 2.92
C VAL A 649 16.87 26.00 4.35
N LEU A 650 15.98 25.78 5.32
CA LEU A 650 16.36 25.60 6.72
C LEU A 650 17.39 24.48 6.92
N LYS A 651 17.46 23.56 5.95
CA LYS A 651 18.36 22.42 6.02
C LYS A 651 19.76 22.70 5.48
N GLN A 652 19.91 23.78 4.70
CA GLN A 652 21.17 24.10 4.01
C GLN A 652 22.43 23.97 4.85
N GLN A 653 23.47 23.40 4.23
CA GLN A 653 24.76 23.20 4.89
C GLN A 653 25.89 23.61 3.95
N PRO A 654 26.58 24.74 4.25
CA PRO A 654 26.40 25.62 5.40
C PRO A 654 25.19 26.56 5.24
N PRO A 655 24.61 27.02 6.37
CA PRO A 655 23.40 27.84 6.43
C PRO A 655 23.36 28.96 5.40
N ALA A 656 22.21 29.12 4.74
CA ALA A 656 21.97 30.28 3.88
C ALA A 656 21.45 31.44 4.73
N VAL A 657 20.77 31.10 5.82
CA VAL A 657 20.27 32.09 6.77
C VAL A 657 20.85 31.75 8.13
N GLN A 658 21.38 32.78 8.80
CA GLN A 658 21.95 32.62 10.13
C GLN A 658 20.96 33.11 11.18
N PHE A 659 20.84 32.37 12.27
CA PHE A 659 19.97 32.76 13.37
C PHE A 659 20.80 33.20 14.58
N VAL A 660 20.50 34.40 15.08
CA VAL A 660 21.20 34.99 16.22
C VAL A 660 20.21 35.38 17.32
N PRO A 661 20.21 34.63 18.44
CA PRO A 661 21.07 33.47 18.74
C PRO A 661 20.68 32.22 17.96
N PRO A 662 21.54 31.19 17.94
CA PRO A 662 21.20 29.95 17.23
C PRO A 662 19.90 29.36 17.72
N LEU A 663 19.15 28.75 16.81
CA LEU A 663 17.91 28.05 17.15
C LEU A 663 18.20 26.93 18.14
N PRO A 664 17.26 26.68 19.07
CA PRO A 664 17.47 25.65 20.10
C PRO A 664 17.58 24.25 19.54
N GLU A 665 18.31 23.40 20.26
CA GLU A 665 18.53 22.00 19.89
C GLU A 665 17.25 21.26 19.45
N TRP A 666 16.15 21.46 20.17
CA TRP A 666 14.89 20.79 19.85
C TRP A 666 14.35 21.15 18.49
N LYS A 667 14.61 22.39 18.07
CA LYS A 667 14.16 22.86 16.78
C LYS A 667 15.06 22.36 15.67
N THR A 668 16.38 22.44 15.87
CA THR A 668 17.34 22.08 14.83
C THR A 668 17.34 20.58 14.56
N SER A 669 17.16 19.78 15.61
CA SER A 669 17.00 18.33 15.47
C SER A 669 15.78 17.96 14.64
N ALA A 670 14.68 18.67 14.87
CA ALA A 670 13.46 18.51 14.08
C ALA A 670 13.73 18.76 12.60
N VAL A 671 14.57 19.75 12.31
CA VAL A 671 14.89 20.12 10.94
C VAL A 671 15.68 19.00 10.25
N GLN A 672 16.67 18.45 10.93
CA GLN A 672 17.45 17.36 10.37
C GLN A 672 16.69 16.04 10.25
N ARG A 673 15.91 15.69 11.28
CA ARG A 673 15.07 14.49 11.27
C ARG A 673 14.11 14.46 10.09
N MET A 674 13.37 15.56 9.92
CA MET A 674 12.34 15.66 8.89
C MET A 674 12.86 15.49 7.48
N GLY A 675 12.00 14.98 6.60
CA GLY A 675 12.38 14.76 5.22
C GLY A 675 11.89 15.87 4.32
N PHE A 676 12.76 16.29 3.40
CA PHE A 676 12.36 17.25 2.38
C PHE A 676 12.67 16.65 1.02
N GLY A 677 11.60 16.29 0.31
CA GLY A 677 11.73 15.56 -0.94
C GLY A 677 11.92 16.40 -2.18
N ASN A 678 11.81 15.74 -3.33
CA ASN A 678 12.05 16.33 -4.63
C ASN A 678 11.15 15.69 -5.68
N LEU A 679 10.72 16.51 -6.65
CA LEU A 679 9.84 16.09 -7.73
C LEU A 679 9.91 17.14 -8.82
N ASN A 680 10.07 16.71 -10.07
CA ASN A 680 10.20 17.67 -11.19
C ASN A 680 9.19 17.52 -12.31
N LYS A 681 9.01 18.60 -13.08
CA LYS A 681 8.05 18.62 -14.18
C LYS A 681 8.70 19.06 -15.49
N VAL A 682 8.29 18.40 -16.58
CA VAL A 682 8.74 18.78 -17.92
C VAL A 682 7.54 19.26 -18.72
N VAL A 683 7.60 20.51 -19.16
CA VAL A 683 6.49 21.13 -19.89
C VAL A 683 6.73 21.05 -21.39
N LEU A 684 5.78 20.43 -22.10
CA LEU A 684 5.88 20.23 -23.55
C LEU A 684 4.73 20.93 -24.26
N CYS A 685 5.06 21.97 -25.02
CA CYS A 685 4.07 22.79 -25.72
C CYS A 685 4.09 22.50 -27.22
N PHE A 686 2.98 21.97 -27.72
CA PHE A 686 2.88 21.62 -29.13
C PHE A 686 1.88 22.52 -29.85
N ASP A 687 1.82 22.37 -31.18
CA ASP A 687 0.88 23.12 -32.01
C ASP A 687 -0.42 22.35 -32.25
N ARG A 688 -0.43 21.06 -31.88
CA ARG A 688 -1.58 20.18 -32.12
C ARG A 688 -1.70 19.04 -31.11
N VAL A 689 -2.94 18.74 -30.71
CA VAL A 689 -3.23 17.63 -29.82
C VAL A 689 -3.12 16.30 -30.58
N PHE A 690 -2.12 15.49 -30.21
CA PHE A 690 -1.92 14.17 -30.83
C PHE A 690 -2.24 13.02 -29.89
N TRP A 691 -2.67 13.35 -28.68
CA TRP A 691 -3.02 12.37 -27.66
C TRP A 691 -4.50 12.23 -27.57
N ASP A 692 -4.96 11.28 -26.74
CA ASP A 692 -6.38 11.10 -26.50
C ASP A 692 -6.92 12.25 -25.64
N PRO A 693 -7.74 13.13 -26.25
CA PRO A 693 -8.25 14.32 -25.58
C PRO A 693 -9.12 14.02 -24.36
N SER A 694 -9.79 12.87 -24.36
CA SER A 694 -10.65 12.47 -23.23
C SER A 694 -9.84 11.83 -22.10
N VAL A 695 -8.58 11.49 -22.39
CA VAL A 695 -7.67 10.96 -21.38
C VAL A 695 -6.84 12.11 -20.79
N ASN A 696 -6.97 12.30 -19.48
CA ASN A 696 -6.25 13.35 -18.77
C ASN A 696 -4.80 12.98 -18.47
N LEU A 697 -4.57 11.71 -18.14
CA LEU A 697 -3.23 11.25 -17.78
C LEU A 697 -2.94 9.82 -18.21
N PHE A 698 -1.75 9.60 -18.75
CA PHE A 698 -1.32 8.28 -19.17
C PHE A 698 0.11 7.98 -18.74
N GLY A 699 0.32 6.77 -18.23
CA GLY A 699 1.61 6.37 -17.71
C GLY A 699 2.58 5.82 -18.74
N HIS A 700 3.84 5.70 -18.33
CA HIS A 700 4.87 5.03 -19.11
C HIS A 700 5.65 4.16 -18.18
N VAL A 701 5.82 2.89 -18.55
CA VAL A 701 6.53 1.92 -17.72
C VAL A 701 8.00 1.86 -18.15
N GLY A 702 8.88 2.15 -17.19
CA GLY A 702 10.33 2.14 -17.45
C GLY A 702 10.87 0.73 -17.52
N SER A 703 12.13 0.62 -17.96
CA SER A 703 12.79 -0.67 -18.12
C SER A 703 13.21 -1.28 -16.78
N THR A 704 13.81 -0.46 -15.93
CA THR A 704 14.38 -0.94 -14.68
C THR A 704 13.70 -0.32 -13.47
N THR A 705 13.89 -0.93 -12.30
CA THR A 705 13.49 -0.36 -11.02
C THR A 705 14.22 0.96 -10.81
N ALA A 706 15.51 0.98 -11.15
CA ALA A 706 16.37 2.15 -10.96
C ALA A 706 15.85 3.40 -11.66
N SER A 707 15.08 3.24 -12.73
CA SER A 707 14.59 4.38 -13.49
C SER A 707 13.08 4.39 -13.63
N ARG A 708 12.38 3.89 -12.62
CA ARG A 708 10.92 3.83 -12.65
C ARG A 708 10.26 5.21 -12.62
N GLY A 709 10.89 6.15 -11.93
CA GLY A 709 10.35 7.50 -11.80
C GLY A 709 10.55 8.38 -13.02
N GLU A 710 11.49 8.00 -13.87
CA GLU A 710 11.90 8.82 -15.01
C GLU A 710 10.82 8.93 -16.08
N LEU A 711 10.20 10.11 -16.16
CA LEU A 711 9.17 10.43 -17.15
C LEU A 711 8.05 9.38 -17.20
N PHE A 712 7.61 8.98 -16.01
CA PHE A 712 6.68 7.87 -15.83
C PHE A 712 5.21 8.24 -16.01
N LEU A 713 4.91 9.53 -16.06
CA LEU A 713 3.51 9.99 -16.13
C LEU A 713 3.38 11.28 -16.93
N PHE A 714 2.29 11.38 -17.69
CA PHE A 714 2.05 12.53 -18.56
C PHE A 714 0.68 13.13 -18.29
N TRP A 715 0.60 14.46 -18.23
CA TRP A 715 -0.65 15.16 -17.93
C TRP A 715 -1.14 15.98 -19.09
N ASN A 716 -2.42 15.79 -19.41
CA ASN A 716 -3.14 16.61 -20.36
C ASN A 716 -4.28 17.29 -19.59
N LEU A 717 -4.11 18.58 -19.29
CA LEU A 717 -5.01 19.28 -18.40
C LEU A 717 -5.50 20.63 -18.92
N TYR A 718 -4.71 21.23 -19.81
CA TYR A 718 -4.92 22.63 -20.18
C TYR A 718 -5.66 22.81 -21.51
N LYS A 719 -6.14 24.04 -21.73
CA LYS A 719 -6.84 24.42 -22.96
C LYS A 719 -5.93 24.24 -24.18
N ALA A 720 -4.75 24.85 -24.12
CA ALA A 720 -3.74 24.70 -25.17
C ALA A 720 -3.19 23.28 -25.21
N PRO A 721 -2.63 22.86 -26.36
CA PRO A 721 -1.98 21.55 -26.44
C PRO A 721 -0.67 21.49 -25.67
N ILE A 722 -0.75 21.20 -24.38
CA ILE A 722 0.41 21.07 -23.51
C ILE A 722 0.43 19.68 -22.85
N LEU A 723 1.57 19.01 -22.93
CA LEU A 723 1.77 17.77 -22.18
C LEU A 723 2.80 17.95 -21.08
N LEU A 724 2.47 17.43 -19.90
CA LEU A 724 3.29 17.63 -18.71
C LEU A 724 3.83 16.30 -18.22
N ALA A 725 5.16 16.18 -18.16
CA ALA A 725 5.81 14.91 -17.79
C ALA A 725 6.54 14.98 -16.45
N LEU A 726 6.23 14.02 -15.57
CA LEU A 726 6.77 13.98 -14.22
C LEU A 726 8.09 13.21 -14.11
N VAL A 727 9.00 13.71 -13.29
CA VAL A 727 10.19 12.95 -12.91
C VAL A 727 10.20 12.77 -11.39
N ALA A 728 10.13 11.51 -10.95
CA ALA A 728 9.94 11.21 -9.54
C ALA A 728 11.01 10.29 -8.96
N GLY A 729 10.81 9.85 -7.73
CA GLY A 729 11.68 8.91 -7.06
C GLY A 729 13.14 9.28 -7.10
N GLU A 730 14.00 8.27 -7.21
CA GLU A 730 15.44 8.46 -7.30
C GLU A 730 15.83 9.19 -8.59
N ALA A 731 15.01 9.02 -9.62
CA ALA A 731 15.25 9.63 -10.93
C ALA A 731 15.22 11.15 -10.88
N ALA A 732 14.36 11.69 -10.02
CA ALA A 732 14.19 13.15 -9.89
C ALA A 732 15.50 13.89 -9.64
N GLY A 733 16.26 13.41 -8.65
CA GLY A 733 17.52 14.02 -8.27
C GLY A 733 18.61 13.94 -9.32
N ILE A 734 18.58 12.88 -10.13
CA ILE A 734 19.62 12.63 -11.13
C ILE A 734 19.35 13.35 -12.45
N MET A 735 18.07 13.51 -12.78
CA MET A 735 17.67 14.19 -14.01
C MET A 735 17.98 15.69 -13.97
N GLU A 736 18.29 16.20 -12.78
CA GLU A 736 18.64 17.61 -12.61
C GLU A 736 20.03 17.93 -13.17
N ASN A 737 20.92 16.95 -13.14
CA ASN A 737 22.25 17.07 -13.73
C ASN A 737 22.30 16.79 -15.23
N ILE A 738 21.13 16.75 -15.87
CA ILE A 738 21.02 16.49 -17.31
C ILE A 738 20.38 17.70 -17.99
N SER A 739 20.93 18.08 -19.14
CA SER A 739 20.46 19.26 -19.89
C SER A 739 19.04 19.11 -20.43
N ASP A 740 18.39 20.24 -20.67
CA ASP A 740 16.99 20.29 -21.13
C ASP A 740 16.76 19.53 -22.43
N ASP A 741 17.69 19.69 -23.37
CA ASP A 741 17.59 19.04 -24.69
C ASP A 741 17.47 17.52 -24.57
N VAL A 742 18.34 16.92 -23.77
CA VAL A 742 18.34 15.47 -23.52
C VAL A 742 17.04 15.01 -22.86
N ILE A 743 16.55 15.79 -21.90
CA ILE A 743 15.31 15.48 -21.19
C ILE A 743 14.12 15.54 -22.14
N VAL A 744 14.05 16.60 -22.92
CA VAL A 744 13.02 16.75 -23.95
C VAL A 744 13.19 15.65 -25.02
N GLY A 745 14.43 15.22 -25.22
CA GLY A 745 14.74 14.10 -26.12
C GLY A 745 14.03 12.84 -25.69
N ARG A 746 14.34 12.37 -24.48
CA ARG A 746 13.73 11.17 -23.90
C ARG A 746 12.22 11.26 -23.83
N CYS A 747 11.70 12.48 -23.70
CA CYS A 747 10.26 12.72 -23.69
C CYS A 747 9.62 12.41 -25.04
N LEU A 748 10.23 12.93 -26.10
CA LEU A 748 9.74 12.71 -27.46
C LEU A 748 9.88 11.24 -27.83
N ALA A 749 11.04 10.66 -27.53
CA ALA A 749 11.28 9.23 -27.72
C ALA A 749 10.10 8.40 -27.21
N ILE A 750 9.74 8.62 -25.95
CA ILE A 750 8.63 7.90 -25.32
C ILE A 750 7.31 8.17 -26.06
N LEU A 751 6.98 9.44 -26.25
CA LEU A 751 5.73 9.84 -26.91
C LEU A 751 5.58 9.30 -28.34
N LYS A 752 6.69 9.24 -29.07
CA LYS A 752 6.74 8.61 -30.39
C LYS A 752 6.36 7.14 -30.32
N GLY A 753 6.95 6.45 -29.33
CA GLY A 753 6.67 5.04 -29.10
C GLY A 753 5.21 4.71 -28.81
N ILE A 754 4.47 5.67 -28.24
CA ILE A 754 3.08 5.44 -27.88
C ILE A 754 2.11 5.86 -29.00
N PHE A 755 2.34 7.03 -29.59
CA PHE A 755 1.38 7.60 -30.53
C PHE A 755 1.76 7.50 -32.01
N GLY A 756 3.02 7.14 -32.27
CA GLY A 756 3.50 7.03 -33.65
C GLY A 756 4.69 7.93 -33.90
N SER A 757 5.73 7.36 -34.51
CA SER A 757 7.01 8.03 -34.73
C SER A 757 6.93 9.27 -35.63
N SER A 758 5.74 9.52 -36.20
CA SER A 758 5.53 10.69 -37.06
C SER A 758 4.33 11.52 -36.61
N ALA A 759 3.62 11.03 -35.60
CA ALA A 759 2.47 11.75 -35.03
C ALA A 759 2.89 12.73 -33.93
N VAL A 760 4.16 12.69 -33.54
CA VAL A 760 4.70 13.55 -32.48
C VAL A 760 5.66 14.60 -33.08
N PRO A 761 5.17 15.85 -33.26
CA PRO A 761 5.98 16.92 -33.81
C PRO A 761 6.99 17.47 -32.81
N GLN A 762 7.86 18.37 -33.26
CA GLN A 762 8.78 19.05 -32.37
C GLN A 762 8.04 20.06 -31.48
N PRO A 763 8.38 20.08 -30.18
CA PRO A 763 7.75 21.02 -29.25
C PRO A 763 8.16 22.46 -29.49
N LYS A 764 7.19 23.37 -29.51
CA LYS A 764 7.44 24.79 -29.74
C LYS A 764 8.12 25.46 -28.53
N GLU A 765 7.62 25.17 -27.33
CA GLU A 765 8.19 25.69 -26.09
C GLU A 765 8.38 24.57 -25.06
N THR A 766 9.53 24.56 -24.38
CA THR A 766 9.80 23.58 -23.33
C THR A 766 10.37 24.20 -22.05
N VAL A 767 9.92 23.69 -20.90
CA VAL A 767 10.43 24.10 -19.60
C VAL A 767 10.76 22.87 -18.74
N VAL A 768 11.86 22.92 -18.01
CA VAL A 768 12.22 21.83 -17.10
C VAL A 768 12.56 22.36 -15.70
N SER A 769 11.76 21.98 -14.72
CA SER A 769 11.98 22.39 -13.33
C SER A 769 13.18 21.69 -12.69
N ARG A 770 13.86 22.39 -11.79
CA ARG A 770 14.94 21.81 -10.98
C ARG A 770 14.83 22.33 -9.54
N TRP A 771 13.87 21.75 -8.81
CA TRP A 771 13.52 22.23 -7.48
C TRP A 771 14.60 22.03 -6.45
N ARG A 772 15.34 20.92 -6.54
CA ARG A 772 16.42 20.67 -5.60
C ARG A 772 17.56 21.66 -5.81
N ALA A 773 17.76 22.06 -7.07
CA ALA A 773 18.82 23.00 -7.43
C ALA A 773 18.46 24.43 -7.01
N ASP A 774 17.17 24.77 -7.14
CA ASP A 774 16.62 26.07 -6.78
C ASP A 774 16.98 26.46 -5.35
N PRO A 775 17.79 27.52 -5.20
CA PRO A 775 18.30 27.95 -3.88
C PRO A 775 17.22 28.48 -2.92
N TRP A 776 16.04 28.83 -3.45
CA TRP A 776 14.93 29.34 -2.64
C TRP A 776 13.91 28.29 -2.31
N ALA A 777 14.26 27.03 -2.57
CA ALA A 777 13.40 25.90 -2.25
C ALA A 777 14.25 24.76 -1.70
N ARG A 778 15.29 24.40 -2.45
CA ARG A 778 16.20 23.29 -2.11
C ARG A 778 15.45 21.94 -2.04
N GLY A 779 14.45 21.81 -2.90
CA GLY A 779 13.57 20.64 -2.92
C GLY A 779 12.13 21.00 -3.29
N SER A 780 11.21 20.06 -3.10
CA SER A 780 9.84 20.24 -3.57
C SER A 780 8.83 20.41 -2.43
N TYR A 781 8.67 19.38 -1.60
CA TYR A 781 7.87 19.47 -0.38
C TYR A 781 8.26 18.37 0.61
N SER A 782 7.75 18.46 1.83
CA SER A 782 8.21 17.59 2.90
C SER A 782 7.56 16.21 2.85
N TYR A 783 8.22 15.25 3.49
CA TYR A 783 7.69 13.92 3.70
C TYR A 783 8.09 13.44 5.08
N VAL A 784 7.27 12.58 5.68
CA VAL A 784 7.61 11.99 6.96
C VAL A 784 8.72 10.96 6.72
N ALA A 785 9.96 11.37 7.00
CA ALA A 785 11.11 10.50 6.80
C ALA A 785 11.16 9.44 7.89
N ALA A 786 11.83 8.33 7.60
CA ALA A 786 12.06 7.29 8.59
C ALA A 786 12.85 7.86 9.76
N GLY A 787 12.34 7.65 10.97
CA GLY A 787 12.95 8.24 12.17
C GLY A 787 12.32 9.56 12.55
N SER A 788 11.42 10.05 11.72
CA SER A 788 10.62 11.23 12.03
C SER A 788 9.20 10.77 12.34
N SER A 789 8.35 11.71 12.76
CA SER A 789 6.94 11.46 12.93
C SER A 789 6.17 12.73 12.58
N GLY A 790 4.86 12.70 12.81
CA GLY A 790 4.03 13.88 12.60
C GLY A 790 4.28 14.90 13.68
N ASN A 791 4.84 14.44 14.78
CA ASN A 791 5.11 15.31 15.92
C ASN A 791 6.19 16.35 15.65
N ASP A 792 7.12 16.02 14.76
CA ASP A 792 8.15 16.94 14.32
C ASP A 792 7.55 18.18 13.67
N TYR A 793 6.49 17.96 12.89
CA TYR A 793 5.73 19.03 12.25
C TYR A 793 5.20 20.04 13.28
N ASP A 794 4.79 19.53 14.44
CA ASP A 794 4.37 20.39 15.55
C ASP A 794 5.56 21.21 16.08
N LEU A 795 6.64 20.52 16.45
CA LEU A 795 7.90 21.17 16.83
C LEU A 795 8.26 22.33 15.89
N MET A 796 8.18 22.08 14.58
CA MET A 796 8.45 23.12 13.59
C MET A 796 7.54 24.35 13.73
N ALA A 797 6.29 24.15 14.13
CA ALA A 797 5.34 25.26 14.26
C ALA A 797 5.51 26.05 15.56
N GLN A 798 6.17 25.46 16.55
CA GLN A 798 6.40 26.08 17.85
C GLN A 798 7.31 27.31 17.75
N PRO A 799 6.88 28.47 18.27
CA PRO A 799 7.67 29.70 18.18
C PRO A 799 8.87 29.75 19.13
N ILE A 800 9.79 30.68 18.88
CA ILE A 800 10.99 30.84 19.71
C ILE A 800 10.91 32.09 20.59
N THR A 801 11.17 31.90 21.89
CA THR A 801 11.19 33.00 22.84
C THR A 801 12.64 33.22 23.30
N PRO A 802 13.18 34.44 23.06
CA PRO A 802 14.56 34.74 23.41
C PRO A 802 14.77 34.81 24.92
N GLY A 803 16.03 34.70 25.36
CA GLY A 803 16.38 34.93 26.76
C GLY A 803 16.26 36.42 27.11
N PRO A 804 16.23 36.75 28.42
CA PRO A 804 16.13 38.16 28.81
C PRO A 804 17.43 38.91 28.56
N SER A 805 17.34 40.23 28.41
CA SER A 805 18.52 41.08 28.24
C SER A 805 19.30 41.16 29.56
N ILE A 806 18.70 41.83 30.54
CA ILE A 806 19.22 41.85 31.90
C ILE A 806 18.91 40.51 32.55
N PRO A 807 19.92 39.85 33.16
CA PRO A 807 19.61 38.64 33.93
C PRO A 807 18.70 38.97 35.10
N GLY A 808 17.72 38.11 35.36
CA GLY A 808 16.74 38.34 36.42
C GLY A 808 15.55 39.20 36.01
N ALA A 809 15.46 39.52 34.72
CA ALA A 809 14.30 40.24 34.17
C ALA A 809 13.21 39.24 33.77
N PRO A 810 11.93 39.67 33.78
CA PRO A 810 10.81 38.78 33.50
C PRO A 810 10.90 38.01 32.18
N GLN A 811 10.24 36.86 32.12
CA GLN A 811 10.18 36.03 30.91
C GLN A 811 9.68 36.83 29.70
N PRO A 812 10.49 36.86 28.62
CA PRO A 812 10.17 37.65 27.43
C PRO A 812 9.01 37.10 26.60
N ILE A 813 8.51 37.96 25.73
CA ILE A 813 7.51 37.62 24.71
C ILE A 813 8.19 36.73 23.65
N PRO A 814 7.42 35.79 23.06
CA PRO A 814 7.91 35.06 21.88
C PRO A 814 8.12 36.01 20.69
N ARG A 815 9.23 35.83 19.98
CA ARG A 815 9.63 36.76 18.92
C ARG A 815 9.69 36.13 17.53
N LEU A 816 10.17 34.89 17.45
CA LEU A 816 10.35 34.18 16.18
C LEU A 816 9.29 33.11 15.97
N PHE A 817 8.53 33.26 14.89
CA PHE A 817 7.39 32.39 14.58
C PHE A 817 7.62 31.65 13.27
N PHE A 818 7.02 30.47 13.14
CA PHE A 818 7.20 29.64 11.95
C PHE A 818 5.90 29.19 11.32
N ALA A 819 5.71 29.56 10.05
CA ALA A 819 4.62 29.02 9.25
C ALA A 819 5.20 28.31 8.05
N GLY A 820 4.33 27.66 7.28
CA GLY A 820 4.78 26.95 6.10
C GLY A 820 4.29 25.52 6.06
N GLU A 821 4.31 24.97 4.85
CA GLU A 821 3.89 23.60 4.56
C GLU A 821 4.47 22.53 5.51
N HIS A 822 5.66 22.77 6.04
CA HIS A 822 6.32 21.82 6.93
C HIS A 822 5.97 22.01 8.39
N THR A 823 5.01 22.87 8.68
CA THR A 823 4.62 23.17 10.07
C THR A 823 3.23 22.66 10.44
N ILE A 824 2.46 22.29 9.41
CA ILE A 824 1.08 21.87 9.61
C ILE A 824 0.93 20.34 9.54
N ARG A 825 1.02 19.73 10.71
CA ARG A 825 0.94 18.28 10.92
C ARG A 825 -0.17 17.56 10.13
N ASN A 826 -1.35 18.18 10.07
CA ASN A 826 -2.52 17.55 9.46
C ASN A 826 -2.70 17.79 7.96
N TYR A 827 -1.90 18.70 7.39
CA TYR A 827 -2.00 19.03 5.97
C TYR A 827 -0.65 19.33 5.34
N PRO A 828 0.39 18.54 5.66
CA PRO A 828 1.71 18.89 5.14
C PRO A 828 1.80 18.77 3.63
N ALA A 829 2.89 19.31 3.08
CA ALA A 829 3.22 19.20 1.66
C ALA A 829 2.15 19.70 0.67
N THR A 830 1.29 20.61 1.10
CA THR A 830 0.22 21.11 0.23
C THR A 830 0.09 22.63 0.24
N VAL A 831 -0.75 23.15 -0.66
CA VAL A 831 -1.06 24.59 -0.68
C VAL A 831 -1.99 24.96 0.47
N HIS A 832 -3.13 24.26 0.57
CA HIS A 832 -4.07 24.51 1.66
C HIS A 832 -3.42 24.37 3.01
N GLY A 833 -2.44 23.48 3.10
CA GLY A 833 -1.67 23.30 4.33
C GLY A 833 -0.88 24.54 4.67
N ALA A 834 -0.17 25.07 3.67
CA ALA A 834 0.56 26.32 3.82
C ALA A 834 -0.42 27.42 4.21
N LEU A 835 -1.45 27.61 3.38
CA LEU A 835 -2.50 28.59 3.62
C LEU A 835 -2.93 28.58 5.08
N LEU A 836 -3.29 27.41 5.60
CA LEU A 836 -3.76 27.29 6.97
C LEU A 836 -2.70 27.62 8.00
N SER A 837 -1.45 27.23 7.74
CA SER A 837 -0.35 27.48 8.68
C SER A 837 -0.12 28.98 8.83
N GLY A 838 -0.23 29.69 7.71
CA GLY A 838 -0.18 31.15 7.69
C GLY A 838 -1.26 31.74 8.58
N LEU A 839 -2.52 31.37 8.29
CA LEU A 839 -3.64 31.82 9.11
C LEU A 839 -3.38 31.55 10.59
N ARG A 840 -2.84 30.36 10.89
CA ARG A 840 -2.55 29.94 12.25
C ARG A 840 -1.62 30.90 12.97
N GLU A 841 -0.46 31.19 12.38
CA GLU A 841 0.53 32.05 13.01
C GLU A 841 0.03 33.49 13.15
N ALA A 842 -0.62 33.98 12.11
CA ALA A 842 -1.25 35.31 12.14
C ALA A 842 -2.15 35.46 13.36
N GLY A 843 -2.91 34.42 13.66
CA GLY A 843 -3.75 34.40 14.85
C GLY A 843 -2.93 34.42 16.13
N ARG A 844 -1.92 33.56 16.19
CA ARG A 844 -1.05 33.44 17.36
C ARG A 844 -0.26 34.71 17.62
N ILE A 845 0.18 35.35 16.55
CA ILE A 845 0.93 36.60 16.63
C ILE A 845 0.05 37.76 17.10
N ALA A 846 -1.13 37.90 16.50
CA ALA A 846 -2.07 38.95 16.90
C ALA A 846 -2.49 38.80 18.36
N ASP A 847 -2.76 37.57 18.78
CA ASP A 847 -3.07 37.27 20.19
C ASP A 847 -1.96 37.75 21.11
N GLN A 848 -0.73 37.65 20.64
CA GLN A 848 0.46 38.00 21.41
C GLN A 848 0.66 39.51 21.52
N PHE A 849 0.45 40.22 20.42
CA PHE A 849 0.82 41.63 20.35
C PHE A 849 -0.34 42.62 20.36
N LEU A 850 -1.54 42.14 20.06
CA LEU A 850 -2.74 42.97 20.15
C LEU A 850 -3.65 42.53 21.30
N GLY A 851 -3.35 41.36 21.88
CA GLY A 851 -4.11 40.83 23.00
C GLY A 851 -5.41 40.17 22.60
N ALA A 852 -5.79 39.13 23.35
CA ALA A 852 -7.03 38.39 23.09
C ALA A 852 -8.19 38.93 23.91
N MET A 853 -9.04 39.73 23.26
CA MET A 853 -10.17 40.37 23.92
C MET A 853 -11.35 39.42 24.10
N TYR A 854 -11.34 38.33 23.34
CA TYR A 854 -12.44 37.37 23.27
C TYR A 854 -12.42 36.24 24.32
N THR A 855 -11.31 36.16 25.07
CA THR A 855 -11.14 35.07 26.04
C THR A 855 -11.87 35.30 27.37
N LEU A 856 -12.23 36.55 27.65
CA LEU A 856 -12.94 36.93 28.87
C LEU A 856 -14.46 36.70 28.73
N ARG B 308 -6.45 -6.97 12.23
CA ARG B 308 -6.50 -8.32 12.87
C ARG B 308 -5.83 -9.39 12.02
N LYS B 309 -6.12 -9.36 10.72
CA LYS B 309 -5.58 -10.33 9.76
C LYS B 309 -5.09 -9.64 8.49
N PRO B 310 -4.07 -10.23 7.82
CA PRO B 310 -3.55 -9.70 6.56
C PRO B 310 -4.63 -9.66 5.49
N PRO B 311 -4.40 -8.93 4.39
CA PRO B 311 -5.35 -8.98 3.27
C PRO B 311 -5.41 -10.38 2.66
N LYS B 312 -6.48 -10.67 1.92
CA LYS B 312 -6.59 -11.94 1.20
C LYS B 312 -5.51 -12.05 0.14
N GLY B 313 -4.96 -13.26 -0.03
CA GLY B 313 -3.88 -13.52 -0.98
C GLY B 313 -2.56 -12.87 -0.57
N MET B 314 -2.39 -12.70 0.73
CA MET B 314 -1.22 -12.05 1.30
C MET B 314 -0.86 -12.80 2.57
N PHE B 315 0.37 -13.32 2.62
CA PHE B 315 0.77 -14.21 3.71
C PHE B 315 1.95 -13.64 4.50
N LEU B 316 1.71 -13.38 5.77
CA LEU B 316 2.68 -12.70 6.63
C LEU B 316 2.52 -13.16 8.08
N SER B 317 3.31 -14.15 8.48
CA SER B 317 3.29 -14.60 9.87
C SER B 317 4.48 -14.02 10.64
N GLN B 318 4.30 -13.81 11.94
CA GLN B 318 5.33 -13.27 12.81
C GLN B 318 6.68 -13.97 12.63
N GLU B 319 6.63 -15.30 12.53
CA GLU B 319 7.82 -16.14 12.38
C GLU B 319 8.53 -15.93 11.03
N ASP B 320 7.74 -15.81 9.96
CA ASP B 320 8.27 -15.62 8.61
C ASP B 320 9.00 -14.30 8.44
N VAL B 321 8.51 -13.26 9.12
CA VAL B 321 9.13 -11.94 9.06
C VAL B 321 10.51 -11.99 9.72
N GLU B 322 10.57 -12.54 10.93
CA GLU B 322 11.81 -12.67 11.69
C GLU B 322 12.87 -13.50 10.95
N ALA B 323 12.40 -14.48 10.19
CA ALA B 323 13.28 -15.37 9.44
C ALA B 323 13.92 -14.71 8.21
N VAL B 324 13.16 -13.85 7.53
CA VAL B 324 13.62 -13.19 6.32
C VAL B 324 14.43 -11.92 6.64
N SER B 325 14.22 -11.36 7.83
CA SER B 325 14.93 -10.16 8.26
C SER B 325 16.00 -10.45 9.33
N ALA B 326 16.37 -11.72 9.48
CA ALA B 326 17.36 -12.15 10.48
C ALA B 326 18.74 -11.55 10.27
N ASN B 327 19.14 -11.41 9.00
CA ASN B 327 20.40 -10.75 8.65
C ASN B 327 20.34 -10.04 7.29
N ALA B 328 21.51 -9.69 6.75
CA ALA B 328 21.60 -8.92 5.51
C ALA B 328 21.15 -9.68 4.27
N THR B 329 21.45 -10.98 4.23
CA THR B 329 21.08 -11.83 3.08
C THR B 329 20.33 -13.11 3.47
N ALA B 330 19.62 -13.05 4.60
CA ALA B 330 18.73 -14.13 5.02
C ALA B 330 17.55 -14.25 4.06
N ALA B 331 17.24 -13.16 3.38
CA ALA B 331 16.16 -13.10 2.41
C ALA B 331 16.38 -14.05 1.23
N THR B 332 17.53 -13.93 0.58
CA THR B 332 17.87 -14.78 -0.57
C THR B 332 18.28 -16.21 -0.17
N THR B 333 18.82 -16.35 1.04
CA THR B 333 19.19 -17.66 1.60
C THR B 333 17.96 -18.57 1.72
N VAL B 334 16.91 -18.05 2.37
CA VAL B 334 15.64 -18.76 2.54
C VAL B 334 15.04 -19.14 1.18
N LEU B 335 15.07 -18.21 0.23
CA LEU B 335 14.53 -18.45 -1.11
C LEU B 335 15.37 -19.40 -1.97
N ARG B 336 16.64 -19.56 -1.62
CA ARG B 336 17.52 -20.52 -2.29
C ARG B 336 17.32 -21.94 -1.78
N GLN B 337 17.24 -22.10 -0.46
CA GLN B 337 16.98 -23.40 0.16
C GLN B 337 15.69 -24.04 -0.33
N LEU B 338 14.69 -23.21 -0.62
CA LEU B 338 13.43 -23.68 -1.17
C LEU B 338 13.52 -23.91 -2.68
N ASP B 339 14.39 -23.16 -3.35
CA ASP B 339 14.65 -23.37 -4.78
C ASP B 339 15.39 -24.68 -5.04
N MET B 340 16.26 -25.05 -4.10
CA MET B 340 16.97 -26.32 -4.16
C MET B 340 16.08 -27.48 -3.72
N GLU B 341 15.27 -27.25 -2.69
CA GLU B 341 14.27 -28.23 -2.23
C GLU B 341 13.28 -28.60 -3.33
N LEU B 342 12.99 -27.63 -4.20
CA LEU B 342 12.07 -27.85 -5.31
C LEU B 342 12.70 -28.71 -6.40
N VAL B 343 13.97 -28.48 -6.70
CA VAL B 343 14.72 -29.29 -7.67
C VAL B 343 14.89 -30.72 -7.15
N SER B 344 15.28 -30.82 -5.88
CA SER B 344 15.46 -32.10 -5.19
C SER B 344 14.21 -32.98 -5.26
N VAL B 345 13.04 -32.38 -5.00
CA VAL B 345 11.77 -33.12 -5.00
C VAL B 345 11.24 -33.36 -6.42
N LYS B 346 11.64 -32.51 -7.36
CA LYS B 346 11.16 -32.63 -8.73
C LYS B 346 11.84 -33.78 -9.48
N ARG B 347 13.13 -33.99 -9.20
CA ARG B 347 13.87 -35.11 -9.80
C ARG B 347 13.57 -36.43 -9.11
N GLN B 348 13.20 -36.36 -7.83
CA GLN B 348 12.77 -37.53 -7.08
C GLN B 348 11.47 -38.07 -7.67
N ILE B 349 10.64 -37.17 -8.18
CA ILE B 349 9.41 -37.54 -8.87
C ILE B 349 9.71 -38.36 -10.12
N GLN B 350 10.60 -37.86 -10.98
CA GLN B 350 10.94 -38.54 -12.22
C GLN B 350 11.63 -39.89 -11.99
N ASN B 351 12.37 -39.97 -10.90
CA ASN B 351 13.02 -41.22 -10.49
C ASN B 351 12.00 -42.31 -10.17
N ILE B 352 11.00 -41.98 -9.36
CA ILE B 352 9.94 -42.91 -8.99
C ILE B 352 8.93 -43.09 -10.14
N LYS B 353 8.86 -42.11 -11.03
CA LYS B 353 8.06 -42.20 -12.24
C LYS B 353 8.70 -43.20 -13.21
N GLN B 354 10.03 -43.19 -13.24
CA GLN B 354 10.81 -44.13 -14.05
C GLN B 354 10.77 -45.54 -13.45
N THR B 355 10.86 -45.62 -12.13
CA THR B 355 10.77 -46.88 -11.40
C THR B 355 9.40 -47.54 -11.60
N ASN B 356 8.34 -46.76 -11.50
CA ASN B 356 6.98 -47.25 -11.71
C ASN B 356 6.68 -47.61 -13.16
N SER B 357 7.33 -46.91 -14.09
CA SER B 357 7.17 -47.19 -15.52
C SER B 357 7.70 -48.57 -15.89
N ALA B 358 8.79 -48.98 -15.24
CA ALA B 358 9.37 -50.31 -15.43
C ALA B 358 8.50 -51.41 -14.81
N LEU B 359 8.02 -51.17 -13.59
CA LEU B 359 7.16 -52.13 -12.88
C LEU B 359 5.81 -52.33 -13.57
N LYS B 360 5.38 -51.35 -14.36
CA LYS B 360 4.14 -51.43 -15.11
C LYS B 360 4.27 -52.34 -16.34
N GLU B 361 5.46 -52.37 -16.94
CA GLU B 361 5.70 -53.21 -18.10
C GLU B 361 5.84 -54.69 -17.71
N LYS B 362 6.25 -54.94 -16.46
CA LYS B 362 6.32 -56.30 -15.93
C LYS B 362 4.93 -56.85 -15.61
N LEU B 363 3.97 -55.95 -15.39
CA LEU B 363 2.57 -56.34 -15.17
C LEU B 363 1.79 -56.39 -16.48
N ASP B 364 2.48 -56.29 -17.62
CA ASP B 364 1.82 -56.28 -18.92
C ASP B 364 1.22 -57.64 -19.26
N GLY B 365 -0.02 -57.60 -19.75
CA GLY B 365 -0.79 -58.81 -20.02
C GLY B 365 -1.79 -59.09 -18.92
N GLY B 366 -1.54 -58.54 -17.74
CA GLY B 366 -2.36 -58.79 -16.56
C GLY B 366 -2.15 -60.19 -16.05
N ILE B 367 -3.22 -60.81 -15.56
CA ILE B 367 -3.20 -62.22 -15.17
C ILE B 367 -4.17 -63.02 -16.04
N GLU B 368 -4.31 -62.61 -17.29
CA GLU B 368 -5.29 -63.20 -18.21
C GLU B 368 -5.02 -64.66 -18.57
N PRO B 369 -3.76 -65.02 -18.92
CA PRO B 369 -3.48 -66.42 -19.24
C PRO B 369 -3.41 -67.32 -18.01
N TYR B 370 -3.99 -66.87 -16.90
CA TYR B 370 -3.92 -67.59 -15.63
C TYR B 370 -5.27 -67.70 -14.93
N ARG B 371 -6.31 -67.13 -15.54
CA ARG B 371 -7.66 -67.21 -14.99
C ARG B 371 -8.32 -68.54 -15.28
N LEU B 372 -9.00 -69.08 -14.26
CA LEU B 372 -9.75 -70.33 -14.40
C LEU B 372 -11.24 -70.02 -14.40
N PRO B 373 -11.97 -70.53 -15.41
CA PRO B 373 -13.40 -70.24 -15.63
C PRO B 373 -14.29 -70.52 -14.42
N GLU B 374 -15.46 -69.87 -14.39
CA GLU B 374 -16.42 -69.97 -13.29
C GLU B 374 -17.10 -71.34 -13.24
N VAL B 375 -17.10 -71.95 -12.05
CA VAL B 375 -17.84 -73.18 -11.80
C VAL B 375 -19.11 -72.84 -11.04
N ILE B 376 -20.25 -72.91 -11.75
CA ILE B 376 -21.54 -72.46 -11.22
C ILE B 376 -22.35 -73.56 -10.51
N GLN B 377 -21.65 -74.46 -9.83
CA GLN B 377 -22.30 -75.61 -9.18
C GLN B 377 -23.23 -75.22 -8.03
N LYS B 378 -24.27 -76.01 -7.84
CA LYS B 378 -25.31 -75.73 -6.85
C LYS B 378 -25.10 -76.50 -5.55
N CYS B 379 -25.50 -75.89 -4.44
CA CYS B 379 -25.29 -76.43 -3.10
C CYS B 379 -26.11 -77.71 -2.85
N ASN B 380 -25.55 -78.59 -2.03
CA ASN B 380 -26.17 -79.89 -1.73
C ASN B 380 -26.12 -80.21 -0.24
N ALA B 381 -27.05 -81.04 0.22
CA ALA B 381 -27.15 -81.42 1.63
C ALA B 381 -26.43 -82.74 1.95
N ARG B 382 -26.38 -83.64 0.98
CA ARG B 382 -25.76 -84.96 1.16
C ARG B 382 -24.24 -84.92 1.11
N TRP B 383 -23.61 -85.49 2.13
CA TRP B 383 -22.16 -85.65 2.18
C TRP B 383 -21.74 -86.96 1.60
N THR B 384 -21.28 -86.95 0.34
CA THR B 384 -20.76 -88.16 -0.29
C THR B 384 -19.42 -88.53 0.35
N THR B 385 -19.09 -89.82 0.32
CA THR B 385 -17.84 -90.33 0.88
C THR B 385 -16.65 -89.54 0.33
N GLU B 386 -16.72 -89.19 -0.95
CA GLU B 386 -15.72 -88.35 -1.60
C GLU B 386 -15.60 -87.00 -0.91
N GLU B 387 -16.74 -86.32 -0.77
CA GLU B 387 -16.81 -84.97 -0.19
C GLU B 387 -16.32 -84.91 1.25
N GLN B 388 -16.60 -85.98 2.00
CA GLN B 388 -16.11 -86.11 3.38
C GLN B 388 -14.58 -86.18 3.41
N LEU B 389 -14.01 -86.92 2.46
CA LEU B 389 -12.55 -87.09 2.36
C LEU B 389 -11.87 -85.81 1.93
N LEU B 390 -12.46 -85.11 0.97
CA LEU B 390 -12.00 -83.78 0.56
C LEU B 390 -11.99 -82.83 1.75
N ALA B 391 -13.03 -82.92 2.59
CA ALA B 391 -13.16 -82.10 3.78
C ALA B 391 -12.03 -82.34 4.77
N VAL B 392 -11.86 -83.59 5.20
CA VAL B 392 -10.77 -83.95 6.12
C VAL B 392 -9.42 -83.38 5.68
N GLN B 393 -9.16 -83.43 4.38
CA GLN B 393 -7.92 -82.92 3.82
C GLN B 393 -7.88 -81.40 3.82
N ALA B 394 -9.03 -80.77 3.60
CA ALA B 394 -9.16 -79.31 3.61
C ALA B 394 -8.93 -78.73 5.01
N ILE B 395 -9.38 -79.46 6.03
CA ILE B 395 -9.14 -79.08 7.42
C ILE B 395 -7.64 -79.13 7.72
N ARG B 396 -6.99 -80.20 7.28
CA ARG B 396 -5.54 -80.39 7.46
C ARG B 396 -4.72 -79.27 6.82
N LYS B 397 -5.24 -78.69 5.74
CA LYS B 397 -4.50 -77.69 4.98
C LYS B 397 -4.93 -76.25 5.28
N TYR B 398 -6.15 -76.07 5.77
CA TYR B 398 -6.69 -74.70 5.98
C TYR B 398 -7.09 -74.37 7.42
N GLY B 399 -7.25 -75.41 8.24
CA GLY B 399 -7.60 -75.22 9.65
C GLY B 399 -9.06 -74.87 9.87
N ARG B 400 -9.30 -73.68 10.41
CA ARG B 400 -10.65 -73.24 10.75
C ARG B 400 -11.27 -72.33 9.71
N ASP B 401 -10.53 -72.07 8.62
CA ASP B 401 -11.03 -71.24 7.53
C ASP B 401 -12.19 -71.94 6.81
N PHE B 402 -13.40 -71.72 7.32
CA PHE B 402 -14.60 -72.40 6.83
C PHE B 402 -14.96 -72.01 5.40
N GLN B 403 -14.53 -70.81 4.99
CA GLN B 403 -14.80 -70.32 3.66
C GLN B 403 -13.99 -71.09 2.61
N ALA B 404 -12.69 -71.22 2.87
CA ALA B 404 -11.78 -71.95 1.98
C ALA B 404 -12.24 -73.40 1.79
N ILE B 405 -12.52 -74.08 2.90
CA ILE B 405 -12.99 -75.46 2.89
C ILE B 405 -14.26 -75.62 2.03
N SER B 406 -15.18 -74.66 2.17
CA SER B 406 -16.40 -74.63 1.38
C SER B 406 -16.13 -74.55 -0.13
N ASP B 407 -15.09 -73.81 -0.50
CA ASP B 407 -14.72 -73.62 -1.91
C ASP B 407 -14.04 -74.84 -2.50
N VAL B 408 -13.19 -75.49 -1.70
CA VAL B 408 -12.48 -76.71 -2.08
C VAL B 408 -13.48 -77.81 -2.42
N ILE B 409 -14.44 -78.03 -1.52
CA ILE B 409 -15.51 -79.01 -1.72
C ILE B 409 -16.43 -78.59 -2.87
N GLY B 410 -16.89 -77.35 -2.83
CA GLY B 410 -17.63 -76.77 -3.95
C GLY B 410 -19.14 -76.74 -3.78
N ASN B 411 -19.71 -77.81 -3.23
CA ASN B 411 -21.15 -77.90 -3.05
C ASN B 411 -21.60 -78.00 -1.58
N LYS B 412 -20.91 -77.27 -0.72
CA LYS B 412 -21.28 -77.18 0.69
C LYS B 412 -21.18 -75.73 1.16
N SER B 413 -22.22 -75.27 1.85
CA SER B 413 -22.25 -73.91 2.39
C SER B 413 -21.37 -73.77 3.63
N VAL B 414 -20.98 -72.54 3.93
CA VAL B 414 -20.06 -72.22 5.03
C VAL B 414 -20.56 -72.73 6.39
N VAL B 415 -21.88 -72.80 6.54
CA VAL B 415 -22.51 -73.30 7.76
C VAL B 415 -22.48 -74.83 7.83
N GLN B 416 -22.72 -75.48 6.68
CA GLN B 416 -22.65 -76.95 6.57
C GLN B 416 -21.26 -77.45 6.93
N VAL B 417 -20.25 -76.68 6.51
CA VAL B 417 -18.85 -76.94 6.86
C VAL B 417 -18.68 -76.92 8.38
N LYS B 418 -19.27 -75.93 9.03
CA LYS B 418 -19.22 -75.81 10.50
C LYS B 418 -19.98 -76.94 11.18
N ASN B 419 -21.09 -77.36 10.58
CA ASN B 419 -21.85 -78.51 11.05
C ASN B 419 -21.04 -79.79 10.98
N PHE B 420 -20.33 -79.96 9.86
CA PHE B 420 -19.43 -81.09 9.64
C PHE B 420 -18.41 -81.24 10.77
N PHE B 421 -17.87 -80.11 11.22
CA PHE B 421 -16.89 -80.07 12.31
C PHE B 421 -17.41 -80.71 13.60
N VAL B 422 -18.70 -80.53 13.86
CA VAL B 422 -19.31 -81.06 15.07
C VAL B 422 -19.87 -82.46 14.84
N ASN B 423 -20.44 -82.69 13.67
CA ASN B 423 -21.07 -83.96 13.32
C ASN B 423 -20.12 -85.15 13.23
N TYR B 424 -19.00 -84.96 12.53
CA TYR B 424 -18.03 -86.03 12.30
C TYR B 424 -16.79 -85.82 13.18
N ARG B 425 -16.99 -85.15 14.30
CA ARG B 425 -15.91 -84.73 15.21
C ARG B 425 -15.04 -85.90 15.68
N ARG B 426 -15.68 -86.95 16.18
CA ARG B 426 -14.96 -88.09 16.75
C ARG B 426 -14.53 -89.10 15.69
N ARG B 427 -15.37 -89.28 14.67
CA ARG B 427 -15.11 -90.24 13.60
C ARG B 427 -13.96 -89.84 12.67
N PHE B 428 -13.75 -88.53 12.53
CA PHE B 428 -12.64 -88.01 11.70
C PHE B 428 -11.55 -87.33 12.52
N ASN B 429 -11.49 -87.64 13.82
CA ASN B 429 -10.47 -87.10 14.74
C ASN B 429 -10.06 -85.66 14.45
N ILE B 430 -11.06 -84.79 14.26
CA ILE B 430 -10.84 -83.40 13.84
C ILE B 430 -10.00 -82.60 14.86
N ASP B 431 -10.00 -83.07 16.11
CA ASP B 431 -9.11 -82.50 17.13
C ASP B 431 -7.65 -82.70 16.76
N GLU B 432 -7.30 -83.93 16.40
CA GLU B 432 -5.94 -84.27 15.98
C GLU B 432 -5.57 -83.56 14.68
N VAL B 433 -6.50 -83.52 13.74
CA VAL B 433 -6.28 -82.91 12.43
C VAL B 433 -6.02 -81.41 12.54
N LEU B 434 -6.70 -80.76 13.49
CA LEU B 434 -6.52 -79.33 13.71
C LEU B 434 -5.23 -78.98 14.45
N GLN B 435 -4.80 -79.86 15.35
CA GLN B 435 -3.55 -79.65 16.08
C GLN B 435 -2.32 -79.96 15.22
N GLU B 436 -2.49 -80.85 14.25
CA GLU B 436 -1.46 -81.14 13.24
C GLU B 436 -1.28 -79.94 12.31
N TRP B 437 -2.36 -79.21 12.08
CA TRP B 437 -2.36 -78.00 11.26
C TRP B 437 -1.65 -76.86 11.94
N GLU B 438 -1.78 -76.80 13.27
CA GLU B 438 -1.14 -75.76 14.07
C GLU B 438 0.38 -75.92 14.15
N ALA B 439 0.86 -77.14 13.94
CA ALA B 439 2.29 -77.45 13.91
C ALA B 439 3.03 -76.78 12.74
N GLU B 440 2.29 -76.48 11.67
CA GLU B 440 2.85 -75.78 10.52
C GLU B 440 2.70 -74.27 10.66
N PRO C 1 2.50 13.43 0.29
CA PRO C 1 1.51 12.63 1.01
C PRO C 1 0.74 11.69 0.08
N ARG C 2 -0.01 10.75 0.66
CA ARG C 2 -0.88 9.85 -0.08
C ARG C 2 -1.84 10.61 -1.02
N SER C 3 -2.31 11.78 -0.57
CA SER C 3 -3.26 12.61 -1.31
C SER C 3 -2.94 12.82 -2.79
N PHE C 4 -1.66 12.94 -3.12
CA PHE C 4 -1.24 13.22 -4.51
C PHE C 4 -1.27 11.99 -5.41
N LEU C 5 -1.36 10.81 -4.81
CA LEU C 5 -1.34 9.53 -5.52
C LEU C 5 -2.36 9.49 -6.66
N VAL C 6 -1.85 9.26 -7.87
CA VAL C 6 -2.68 9.23 -9.07
C VAL C 6 -3.52 7.96 -9.13
#